data_5GUL
#
_entry.id   5GUL
#
_cell.length_a   46.851
_cell.length_b   61.661
_cell.length_c   82.242
_cell.angle_alpha   74.00
_cell.angle_beta   84.54
_cell.angle_gamma   86.04
#
_symmetry.space_group_name_H-M   'P 1'
#
loop_
_entity.id
_entity.type
_entity.pdbx_description
1 polymer 'Cyclolavandulyl diphosphate synthase'
2 non-polymer 'PYROPHOSPHATE 2-'
3 non-polymer 'MAGNESIUM ION'
4 non-polymer 2-AMINO-2-HYDROXYMETHYL-PROPANE-1,3-DIOL
5 water water
#
_entity_poly.entity_id   1
_entity_poly.type   'polypeptide(L)'
_entity_poly.pdbx_seq_one_letter_code
;MKHHHHHHHHGGLVPRGSHGGSTTLMLLPDGMRRWSEKNGVSLDDGYAAMGDKIIEFMGWAKEEGVKTLYITASSAANHG
RPEAAVNTFMEAFTEVIRRCHSQFKFDFSGSLDLVSEDYLTELSALRDKSDSESDFTLHYILGMSLSHEVVGIFNKLNGK
IPEMTEEILAENAYVPTQVDYIIRTGGAIRMSSFFPLMSPYAELHFSPVLFPDTTRADFDAALKDLRARDRRFGGYPA
;
_entity_poly.pdbx_strand_id   A,B,C,D
#
loop_
_chem_comp.id
_chem_comp.type
_chem_comp.name
_chem_comp.formula
MG non-polymer 'MAGNESIUM ION' 'Mg 2'
POP non-polymer 'PYROPHOSPHATE 2-' 'H2 O7 P2 -2'
TRS non-polymer 2-AMINO-2-HYDROXYMETHYL-PROPANE-1,3-DIOL 'C4 H12 N O3 1'
#
# COMPACT_ATOMS: atom_id res chain seq x y z
N THR A 23 26.21 -17.30 5.49
CA THR A 23 26.16 -15.95 4.80
C THR A 23 25.05 -15.04 5.32
N THR A 24 23.78 -15.46 5.20
CA THR A 24 22.67 -14.62 5.71
C THR A 24 22.08 -15.36 6.93
N LEU A 25 22.06 -14.65 8.05
CA LEU A 25 21.73 -15.27 9.38
C LEU A 25 20.62 -14.49 10.02
N MET A 26 19.63 -15.18 10.61
CA MET A 26 18.62 -14.42 11.38
C MET A 26 18.72 -14.92 12.85
N LEU A 27 18.85 -14.00 13.78
CA LEU A 27 18.90 -14.28 15.20
C LEU A 27 17.59 -13.93 15.84
N LEU A 28 17.08 -14.86 16.63
CA LEU A 28 15.88 -14.65 17.43
C LEU A 28 16.32 -14.63 18.91
N PRO A 29 16.58 -13.45 19.47
CA PRO A 29 17.15 -13.37 20.77
C PRO A 29 16.08 -13.48 21.82
N ASP A 30 16.07 -14.60 22.56
CA ASP A 30 14.98 -14.88 23.47
C ASP A 30 15.51 -15.34 24.83
N GLY A 31 14.74 -14.98 25.87
CA GLY A 31 14.98 -15.33 27.25
C GLY A 31 15.40 -14.19 28.20
N MET A 32 15.05 -12.92 27.93
CA MET A 32 15.49 -11.80 28.80
C MET A 32 14.75 -11.70 30.18
N ARG A 33 13.45 -11.95 30.20
CA ARG A 33 12.62 -11.97 31.43
C ARG A 33 13.04 -13.12 32.34
N ARG A 34 13.16 -14.34 31.80
CA ARG A 34 13.86 -15.43 32.55
C ARG A 34 15.28 -15.12 32.99
N TRP A 35 16.10 -14.50 32.14
CA TRP A 35 17.43 -14.12 32.58
C TRP A 35 17.41 -13.17 33.76
N SER A 36 16.50 -12.21 33.70
CA SER A 36 16.36 -11.20 34.73
C SER A 36 15.96 -11.85 36.07
N GLU A 37 14.93 -12.68 36.02
CA GLU A 37 14.50 -13.49 37.20
C GLU A 37 15.64 -14.30 37.83
N LYS A 38 16.49 -14.93 36.98
CA LYS A 38 17.66 -15.69 37.36
C LYS A 38 18.69 -14.90 38.11
N ASN A 39 18.95 -13.70 37.63
CA ASN A 39 19.93 -12.83 38.24
C ASN A 39 19.27 -11.85 39.20
N GLY A 40 17.98 -11.97 39.44
CA GLY A 40 17.22 -11.12 40.36
C GLY A 40 17.19 -9.63 40.02
N VAL A 41 17.42 -9.31 38.74
CA VAL A 41 17.46 -7.95 38.25
C VAL A 41 16.15 -7.55 37.59
N SER A 42 16.08 -6.26 37.30
CA SER A 42 14.97 -5.69 36.56
C SER A 42 15.06 -6.15 35.10
N LEU A 43 13.90 -6.17 34.46
CA LEU A 43 13.77 -6.45 33.04
C LEU A 43 14.58 -5.46 32.20
N ASP A 44 14.57 -4.18 32.62
CA ASP A 44 15.55 -3.21 32.09
C ASP A 44 16.97 -3.71 32.06
N ASP A 45 17.47 -4.19 33.19
CA ASP A 45 18.87 -4.72 33.28
C ASP A 45 19.10 -5.96 32.38
N GLY A 46 18.13 -6.86 32.37
CA GLY A 46 18.14 -7.99 31.47
C GLY A 46 18.26 -7.61 29.99
N TYR A 47 17.45 -6.66 29.59
CA TYR A 47 17.48 -6.15 28.18
C TYR A 47 18.76 -5.36 27.88
N ALA A 48 19.37 -4.77 28.91
CA ALA A 48 20.66 -4.12 28.76
C ALA A 48 21.77 -5.14 28.53
N ALA A 49 21.83 -6.16 29.39
CA ALA A 49 22.69 -7.32 29.09
C ALA A 49 22.43 -7.92 27.67
N MET A 50 21.20 -7.91 27.21
CA MET A 50 20.93 -8.32 25.82
C MET A 50 21.67 -7.44 24.84
N GLY A 51 21.51 -6.13 24.99
CA GLY A 51 22.11 -5.22 24.05
C GLY A 51 23.61 -5.46 23.97
N ASP A 52 24.24 -5.62 25.15
CA ASP A 52 25.69 -5.80 25.20
C ASP A 52 26.06 -7.09 24.45
N LYS A 53 25.27 -8.15 24.67
CA LYS A 53 25.47 -9.44 24.05
C LYS A 53 25.21 -9.38 22.51
N ILE A 54 24.21 -8.58 22.09
CA ILE A 54 24.04 -8.35 20.66
C ILE A 54 25.28 -7.73 20.04
N ILE A 55 25.91 -6.79 20.77
CA ILE A 55 27.06 -6.12 20.25
C ILE A 55 28.17 -7.16 20.06
N GLU A 56 28.38 -8.05 21.03
CA GLU A 56 29.36 -9.15 20.90
C GLU A 56 29.06 -10.09 19.76
N PHE A 57 27.81 -10.46 19.64
CA PHE A 57 27.37 -11.46 18.68
C PHE A 57 27.63 -10.97 17.24
N MET A 58 27.32 -9.72 17.01
CA MET A 58 27.61 -9.06 15.71
C MET A 58 29.10 -9.19 15.35
N GLY A 59 29.93 -9.01 16.37
CA GLY A 59 31.35 -9.15 16.20
C GLY A 59 31.71 -10.55 15.80
N TRP A 60 31.22 -11.53 16.56
CA TRP A 60 31.40 -12.96 16.16
C TRP A 60 30.91 -13.29 14.73
N ALA A 61 29.71 -12.83 14.41
CA ALA A 61 29.14 -13.03 13.10
C ALA A 61 30.04 -12.48 11.98
N LYS A 62 30.54 -11.26 12.15
CA LYS A 62 31.43 -10.68 11.14
C LYS A 62 32.70 -11.52 10.98
N GLU A 63 33.29 -11.96 12.08
CA GLU A 63 34.49 -12.78 12.00
C GLU A 63 34.22 -14.03 11.18
N GLU A 64 33.04 -14.63 11.38
CA GLU A 64 32.65 -15.87 10.68
C GLU A 64 32.04 -15.73 9.28
N GLY A 65 32.10 -14.55 8.68
CA GLY A 65 31.69 -14.34 7.31
C GLY A 65 30.21 -13.99 7.07
N VAL A 66 29.40 -13.84 8.12
CA VAL A 66 28.07 -13.26 7.98
C VAL A 66 28.16 -11.81 7.41
N LYS A 67 27.43 -11.55 6.34
CA LYS A 67 27.31 -10.24 5.71
C LYS A 67 26.01 -9.48 6.05
N THR A 68 24.92 -10.22 6.23
CA THR A 68 23.58 -9.67 6.57
C THR A 68 23.11 -10.41 7.83
N LEU A 69 22.88 -9.70 8.91
CA LEU A 69 22.42 -10.31 10.13
C LEU A 69 21.04 -9.67 10.41
N TYR A 70 19.98 -10.46 10.27
CA TYR A 70 18.68 -10.02 10.70
C TYR A 70 18.47 -10.35 12.17
N ILE A 71 17.82 -9.45 12.85
CA ILE A 71 17.49 -9.64 14.24
C ILE A 71 16.01 -9.35 14.48
N THR A 72 15.28 -10.34 14.97
CA THR A 72 13.85 -10.21 15.25
C THR A 72 13.69 -9.48 16.62
N ALA A 73 13.68 -8.16 16.54
CA ALA A 73 13.49 -7.30 17.66
C ALA A 73 12.15 -7.49 18.41
N SER A 74 11.12 -7.81 17.65
CA SER A 74 9.81 -8.11 18.18
C SER A 74 8.90 -8.85 17.18
N SER A 75 8.03 -9.67 17.73
CA SER A 75 6.75 -10.05 17.04
C SER A 75 5.61 -9.09 17.30
N ALA A 76 4.60 -9.22 16.44
CA ALA A 76 3.32 -8.53 16.63
C ALA A 76 2.82 -8.72 18.07
N ALA A 77 2.73 -9.96 18.53
CA ALA A 77 2.14 -10.21 19.88
C ALA A 77 3.02 -9.66 21.01
N ASN A 78 4.33 -9.49 20.73
CA ASN A 78 5.21 -8.91 21.73
C ASN A 78 4.79 -7.50 22.08
N HIS A 79 4.24 -6.76 21.12
CA HIS A 79 3.74 -5.39 21.34
C HIS A 79 2.45 -5.32 22.18
N GLY A 80 1.85 -6.49 22.41
CA GLY A 80 0.78 -6.72 23.34
C GLY A 80 1.18 -6.97 24.78
N ARG A 81 2.47 -7.04 25.06
CA ARG A 81 2.94 -7.13 26.43
C ARG A 81 2.62 -5.79 27.11
N PRO A 82 2.70 -5.74 28.43
CA PRO A 82 2.39 -4.47 29.14
C PRO A 82 3.29 -3.39 28.68
N GLU A 83 2.77 -2.17 28.67
CA GLU A 83 3.51 -1.08 28.01
C GLU A 83 4.92 -0.88 28.54
N ALA A 84 5.16 -1.18 29.82
CA ALA A 84 6.50 -1.02 30.35
C ALA A 84 7.43 -2.09 29.76
N ALA A 85 6.88 -3.27 29.52
CA ALA A 85 7.70 -4.36 28.93
C ALA A 85 8.09 -4.04 27.45
N VAL A 86 7.17 -3.37 26.77
CA VAL A 86 7.29 -2.94 25.34
C VAL A 86 8.37 -1.87 25.23
N ASN A 87 8.27 -0.85 26.10
CA ASN A 87 9.24 0.22 26.09
C ASN A 87 10.65 -0.27 26.45
N THR A 88 10.75 -1.26 27.35
CA THR A 88 12.04 -1.84 27.66
C THR A 88 12.68 -2.52 26.45
N PHE A 89 11.93 -3.33 25.68
CA PHE A 89 12.61 -4.02 24.57
C PHE A 89 12.94 -3.01 23.49
N MET A 90 12.01 -2.10 23.22
CA MET A 90 12.21 -1.06 22.20
C MET A 90 13.41 -0.19 22.51
N GLU A 91 13.53 0.24 23.77
CA GLU A 91 14.67 1.10 24.18
C GLU A 91 16.02 0.37 24.06
N ALA A 92 16.06 -0.89 24.54
CA ALA A 92 17.27 -1.68 24.47
C ALA A 92 17.71 -1.95 23.04
N PHE A 93 16.79 -2.27 22.15
CA PHE A 93 17.20 -2.53 20.75
C PHE A 93 17.65 -1.26 20.13
N THR A 94 17.01 -0.14 20.50
CA THR A 94 17.32 1.15 19.89
C THR A 94 18.74 1.52 20.34
N GLU A 95 19.02 1.28 21.61
CA GLU A 95 20.29 1.68 22.19
C GLU A 95 21.49 1.01 21.52
N VAL A 96 21.35 -0.24 21.10
CA VAL A 96 22.41 -0.91 20.36
C VAL A 96 22.80 -0.05 19.13
N ILE A 97 21.78 0.47 18.46
CA ILE A 97 21.93 1.18 17.22
C ILE A 97 22.54 2.55 17.48
N ARG A 98 22.08 3.23 18.52
CA ARG A 98 22.67 4.48 18.94
C ARG A 98 24.17 4.34 19.14
N ARG A 99 24.58 3.27 19.82
CA ARG A 99 26.01 3.05 20.12
C ARG A 99 26.77 2.62 18.91
N CYS A 100 26.19 1.81 18.03
CA CYS A 100 26.96 1.08 17.02
C CYS A 100 26.71 1.39 15.58
N HIS A 101 25.77 2.32 15.32
CA HIS A 101 25.29 2.58 13.95
C HIS A 101 26.38 2.97 12.98
N SER A 102 27.49 3.55 13.45
CA SER A 102 28.57 3.93 12.52
C SER A 102 29.36 2.75 11.97
N GLN A 103 29.17 1.51 12.51
CA GLN A 103 29.94 0.30 12.11
C GLN A 103 29.26 -0.64 11.08
N PHE A 104 28.05 -0.33 10.65
CA PHE A 104 27.34 -1.23 9.73
C PHE A 104 26.28 -0.43 8.97
N LYS A 105 25.59 -1.05 8.02
CA LYS A 105 24.47 -0.43 7.34
C LYS A 105 23.23 -0.89 8.13
N PHE A 106 22.47 0.04 8.64
CA PHE A 106 21.30 -0.29 9.46
C PHE A 106 20.02 -0.21 8.66
N ASP A 107 19.10 -1.15 8.86
CA ASP A 107 17.72 -0.97 8.30
C ASP A 107 16.76 -1.70 9.20
N PHE A 108 15.47 -1.48 8.97
CA PHE A 108 14.43 -2.06 9.79
C PHE A 108 13.10 -2.12 9.00
N SER A 109 12.28 -3.08 9.31
CA SER A 109 11.02 -3.27 8.61
C SER A 109 10.12 -4.04 9.52
N GLY A 110 8.84 -4.24 9.13
CA GLY A 110 7.92 -5.08 9.88
C GLY A 110 6.59 -4.37 10.04
N SER A 111 5.87 -4.69 11.09
CA SER A 111 4.53 -4.17 11.34
C SER A 111 4.72 -2.89 12.10
N LEU A 112 5.20 -1.88 11.37
CA LEU A 112 5.63 -0.64 12.00
C LEU A 112 4.48 0.18 12.54
N ASP A 113 3.27 -0.10 12.10
CA ASP A 113 2.07 0.54 12.68
C ASP A 113 1.92 0.20 14.18
N LEU A 114 2.52 -0.91 14.61
CA LEU A 114 2.44 -1.33 16.02
C LEU A 114 3.39 -0.63 16.94
N VAL A 115 4.40 0.04 16.37
CA VAL A 115 5.52 0.58 17.14
C VAL A 115 5.26 2.07 17.40
N SER A 116 5.69 2.56 18.53
CA SER A 116 5.41 3.96 18.86
C SER A 116 6.23 4.89 17.94
N GLU A 117 5.63 6.02 17.63
CA GLU A 117 6.19 7.03 16.74
C GLU A 117 7.59 7.49 17.13
N ASP A 118 7.80 7.70 18.45
CA ASP A 118 9.08 8.18 18.97
C ASP A 118 10.26 7.25 18.56
N TYR A 119 10.09 5.97 18.82
CA TYR A 119 11.05 4.98 18.30
C TYR A 119 11.17 4.94 16.73
N LEU A 120 10.07 5.00 16.01
CA LEU A 120 10.23 4.95 14.55
C LEU A 120 11.07 6.10 14.03
N THR A 121 10.81 7.29 14.55
CA THR A 121 11.55 8.50 14.16
C THR A 121 13.03 8.38 14.48
N GLU A 122 13.32 7.83 15.66
CA GLU A 122 14.72 7.72 16.02
C GLU A 122 15.44 6.68 15.20
N LEU A 123 14.76 5.57 14.91
CA LEU A 123 15.40 4.51 14.16
C LEU A 123 15.66 4.92 12.71
N SER A 124 14.76 5.73 12.15
CA SER A 124 14.95 6.28 10.81
C SER A 124 16.14 7.23 10.76
N ALA A 125 16.24 8.06 11.78
CA ALA A 125 17.41 9.00 11.94
C ALA A 125 18.74 8.21 12.07
N LEU A 126 18.72 7.13 12.85
CA LEU A 126 19.89 6.25 12.91
C LEU A 126 20.16 5.49 11.61
N ARG A 127 19.12 5.08 10.86
CA ARG A 127 19.34 4.50 9.54
C ARG A 127 20.15 5.49 8.63
N ASP A 128 19.69 6.72 8.64
CA ASP A 128 20.37 7.86 7.92
C ASP A 128 21.84 8.07 8.35
N LYS A 129 22.12 8.00 9.65
CA LYS A 129 23.53 8.10 10.17
C LYS A 129 24.42 6.87 10.00
N SER A 130 23.82 5.69 9.75
CA SER A 130 24.56 4.48 9.62
C SER A 130 25.41 4.50 8.32
N ASP A 131 26.29 3.52 8.21
CA ASP A 131 27.27 3.45 7.11
C ASP A 131 26.67 2.77 5.92
N SER A 132 26.06 3.57 5.04
CA SER A 132 25.57 3.08 3.73
C SER A 132 26.60 2.26 2.90
N GLU A 133 27.91 2.39 3.18
CA GLU A 133 28.94 1.66 2.41
C GLU A 133 29.46 0.35 3.06
N SER A 134 29.00 0.02 4.28
CA SER A 134 29.48 -1.15 4.99
C SER A 134 29.20 -2.46 4.24
N ASP A 135 30.10 -3.44 4.36
CA ASP A 135 29.86 -4.76 3.81
C ASP A 135 28.97 -5.61 4.75
N PHE A 136 28.58 -5.03 5.88
CA PHE A 136 27.79 -5.72 6.90
C PHE A 136 26.49 -4.96 7.14
N THR A 137 25.39 -5.70 7.14
CA THR A 137 24.07 -5.12 7.27
C THR A 137 23.50 -5.70 8.55
N LEU A 138 22.98 -4.86 9.43
CA LEU A 138 22.23 -5.33 10.62
C LEU A 138 20.82 -4.78 10.44
N HIS A 139 19.82 -5.66 10.33
CA HIS A 139 18.46 -5.32 9.94
C HIS A 139 17.49 -5.85 11.01
N TYR A 140 16.75 -4.95 11.64
CA TYR A 140 15.77 -5.32 12.67
C TYR A 140 14.40 -5.56 12.01
N ILE A 141 13.73 -6.65 12.40
CA ILE A 141 12.34 -6.82 12.07
C ILE A 141 11.57 -6.50 13.38
N LEU A 142 10.56 -5.64 13.30
CA LEU A 142 9.67 -5.23 14.37
C LEU A 142 8.26 -5.70 14.11
N GLY A 143 7.56 -6.21 15.12
CA GLY A 143 6.20 -6.60 14.88
C GLY A 143 6.05 -7.77 13.93
N MET A 144 7.04 -8.64 13.88
CA MET A 144 7.03 -9.67 12.89
C MET A 144 5.84 -10.58 13.07
N SER A 145 5.23 -10.99 11.95
CA SER A 145 4.03 -11.79 11.91
C SER A 145 3.60 -11.99 10.46
N LEU A 146 3.62 -13.24 9.99
CA LEU A 146 3.19 -13.55 8.65
C LEU A 146 1.79 -13.02 8.25
N SER A 147 0.85 -13.15 9.16
CA SER A 147 -0.47 -12.58 8.93
C SER A 147 -0.50 -11.04 8.79
N HIS A 148 0.21 -10.33 9.65
CA HIS A 148 0.31 -8.86 9.54
C HIS A 148 1.03 -8.51 8.27
N GLU A 149 2.07 -9.26 7.98
CA GLU A 149 2.85 -9.05 6.77
C GLU A 149 2.03 -9.11 5.49
N VAL A 150 1.28 -10.19 5.34
CA VAL A 150 0.45 -10.47 4.15
C VAL A 150 -0.75 -9.51 4.04
N VAL A 151 -1.33 -9.17 5.19
CA VAL A 151 -2.35 -8.13 5.25
C VAL A 151 -1.80 -6.82 4.73
N GLY A 152 -0.61 -6.42 5.24
CA GLY A 152 0.00 -5.16 4.80
C GLY A 152 0.40 -5.20 3.34
N ILE A 153 0.93 -6.31 2.82
CA ILE A 153 1.30 -6.37 1.37
C ILE A 153 0.05 -6.24 0.47
N PHE A 154 -1.01 -6.91 0.87
CA PHE A 154 -2.19 -6.91 0.09
C PHE A 154 -2.70 -5.46 -0.01
N ASN A 155 -2.82 -4.81 1.11
CA ASN A 155 -3.40 -3.49 1.15
C ASN A 155 -2.61 -2.42 0.52
N LYS A 156 -1.26 -2.52 0.54
CA LYS A 156 -0.44 -1.57 -0.16
C LYS A 156 -0.53 -1.69 -1.67
N LEU A 157 -0.77 -2.89 -2.17
CA LEU A 157 -0.75 -3.18 -3.58
C LEU A 157 -2.07 -3.47 -4.29
N ASN A 158 -3.12 -3.59 -3.50
CA ASN A 158 -4.46 -3.94 -3.98
C ASN A 158 -4.93 -2.99 -5.08
N GLY A 159 -5.33 -3.49 -6.24
CA GLY A 159 -5.66 -2.63 -7.39
C GLY A 159 -4.56 -1.85 -8.05
N LYS A 160 -3.31 -1.98 -7.60
CA LYS A 160 -2.25 -1.11 -8.14
C LYS A 160 -1.19 -1.84 -8.94
N ILE A 161 -1.32 -3.15 -9.01
CA ILE A 161 -0.47 -3.97 -9.87
C ILE A 161 -1.41 -4.92 -10.63
N PRO A 162 -0.99 -5.34 -11.84
CA PRO A 162 -1.80 -6.34 -12.60
C PRO A 162 -1.87 -7.75 -11.93
N GLU A 163 -0.77 -8.20 -11.34
CA GLU A 163 -0.75 -9.50 -10.72
C GLU A 163 0.44 -9.61 -9.77
N MET A 164 0.27 -10.44 -8.77
CA MET A 164 1.34 -10.77 -7.87
C MET A 164 2.14 -11.93 -8.46
N THR A 165 3.44 -11.85 -8.33
CA THR A 165 4.42 -12.90 -8.69
C THR A 165 5.33 -13.09 -7.47
N GLU A 166 6.00 -14.23 -7.42
CA GLU A 166 7.02 -14.54 -6.40
C GLU A 166 8.06 -13.46 -6.21
N GLU A 167 8.52 -12.88 -7.33
CA GLU A 167 9.45 -11.79 -7.37
C GLU A 167 8.92 -10.53 -6.73
N ILE A 168 7.70 -10.16 -7.09
CA ILE A 168 7.09 -8.99 -6.47
C ILE A 168 6.89 -9.25 -4.97
N LEU A 169 6.51 -10.45 -4.59
CA LEU A 169 6.30 -10.69 -3.12
C LEU A 169 7.60 -10.51 -2.37
N ALA A 170 8.72 -11.00 -2.94
CA ALA A 170 10.02 -10.94 -2.27
C ALA A 170 10.51 -9.51 -2.09
N GLU A 171 10.25 -8.66 -3.05
CA GLU A 171 10.58 -7.26 -2.87
C GLU A 171 9.69 -6.47 -1.91
N ASN A 172 8.57 -7.05 -1.44
CA ASN A 172 7.70 -6.39 -0.47
C ASN A 172 7.69 -7.05 0.90
N ALA A 173 8.37 -8.19 1.05
CA ALA A 173 8.34 -8.98 2.31
C ALA A 173 9.09 -8.25 3.39
N TYR A 174 8.74 -8.49 4.67
CA TYR A 174 9.46 -7.89 5.77
C TYR A 174 10.97 -8.17 5.67
N VAL A 175 11.31 -9.41 5.39
CA VAL A 175 12.76 -9.80 5.31
C VAL A 175 13.13 -9.81 3.80
N PRO A 176 13.94 -8.86 3.36
CA PRO A 176 14.04 -8.62 1.93
C PRO A 176 15.00 -9.49 1.12
N THR A 177 15.63 -10.44 1.76
CA THR A 177 16.53 -11.41 1.10
C THR A 177 16.30 -12.76 1.65
N GLN A 178 16.91 -13.74 1.00
CA GLN A 178 16.84 -15.11 1.52
C GLN A 178 17.68 -15.34 2.78
N VAL A 179 17.08 -16.08 3.74
CA VAL A 179 17.68 -16.42 5.03
C VAL A 179 18.22 -17.85 4.95
N ASP A 180 19.53 -18.03 5.14
CA ASP A 180 20.11 -19.36 5.14
C ASP A 180 19.88 -20.06 6.47
N TYR A 181 20.18 -19.38 7.56
CA TYR A 181 20.25 -19.93 8.91
C TYR A 181 19.43 -19.11 9.92
N ILE A 182 18.90 -19.78 10.92
CA ILE A 182 18.18 -19.13 11.99
C ILE A 182 18.66 -19.74 13.26
N ILE A 183 19.08 -18.87 14.15
CA ILE A 183 19.35 -19.27 15.52
C ILE A 183 18.27 -18.72 16.43
N ARG A 184 17.71 -19.60 17.26
CA ARG A 184 16.76 -19.21 18.25
C ARG A 184 17.14 -19.75 19.63
N THR A 185 17.41 -18.79 20.50
CA THR A 185 17.75 -19.05 21.90
C THR A 185 16.50 -19.11 22.77
N GLY A 186 16.67 -19.32 24.08
CA GLY A 186 15.54 -19.34 24.99
C GLY A 186 14.89 -20.69 25.27
N GLY A 187 15.37 -21.80 24.71
CA GLY A 187 14.81 -23.13 25.14
C GLY A 187 13.60 -23.64 24.37
N ALA A 188 13.03 -22.81 23.53
CA ALA A 188 11.72 -23.05 22.95
C ALA A 188 11.88 -23.48 21.52
N ILE A 189 11.27 -24.59 21.20
CA ILE A 189 11.42 -25.15 19.92
C ILE A 189 10.12 -24.80 19.20
N ARG A 190 10.09 -23.58 18.64
CA ARG A 190 8.91 -23.01 17.96
C ARG A 190 9.38 -21.77 17.20
N MET A 191 8.63 -21.32 16.21
CA MET A 191 9.01 -20.13 15.49
C MET A 191 8.52 -18.86 16.18
N SER A 192 7.44 -18.93 16.94
CA SER A 192 7.00 -17.68 17.66
C SER A 192 6.80 -16.44 16.73
N SER A 193 6.12 -16.66 15.59
CA SER A 193 5.79 -15.62 14.64
C SER A 193 6.93 -15.11 13.82
N PHE A 194 8.13 -15.70 13.98
CA PHE A 194 9.38 -15.25 13.30
C PHE A 194 9.79 -16.00 12.02
N PHE A 195 8.89 -16.80 11.42
CA PHE A 195 9.24 -17.58 10.22
C PHE A 195 9.41 -16.58 9.04
N PRO A 196 10.47 -16.71 8.29
CA PRO A 196 10.67 -15.75 7.16
C PRO A 196 9.91 -16.20 5.94
N LEU A 197 9.00 -15.33 5.50
CA LEU A 197 8.02 -15.63 4.45
C LEU A 197 8.71 -16.30 3.24
N MET A 198 9.76 -15.64 2.68
CA MET A 198 10.42 -16.14 1.44
C MET A 198 11.61 -17.08 1.69
N SER A 199 11.77 -17.63 2.91
CA SER A 199 12.88 -18.55 3.11
C SER A 199 12.43 -19.90 3.63
N PRO A 200 11.67 -20.68 2.79
CA PRO A 200 11.08 -21.95 3.24
C PRO A 200 12.06 -22.98 3.72
N TYR A 201 13.27 -22.95 3.20
CA TYR A 201 14.26 -23.93 3.51
C TYR A 201 15.35 -23.42 4.45
N ALA A 202 15.14 -22.26 5.10
CA ALA A 202 16.05 -21.87 6.19
C ALA A 202 16.24 -22.96 7.24
N GLU A 203 17.49 -23.18 7.64
CA GLU A 203 17.88 -24.14 8.64
C GLU A 203 17.73 -23.55 9.98
N LEU A 204 17.19 -24.35 10.89
CA LEU A 204 16.85 -23.92 12.25
C LEU A 204 17.75 -24.60 13.28
N HIS A 205 18.39 -23.78 14.08
CA HIS A 205 19.13 -24.18 15.24
C HIS A 205 18.53 -23.55 16.52
N PHE A 206 18.13 -24.42 17.43
CA PHE A 206 17.51 -24.08 18.70
C PHE A 206 18.50 -24.31 19.80
N SER A 207 18.86 -23.23 20.50
CA SER A 207 19.64 -23.24 21.74
C SER A 207 18.82 -23.11 22.99
N PRO A 208 19.08 -24.01 23.98
CA PRO A 208 18.40 -23.81 25.29
C PRO A 208 18.88 -22.65 26.11
N VAL A 209 19.94 -21.98 25.65
CA VAL A 209 20.55 -20.93 26.43
C VAL A 209 19.68 -19.65 26.40
N LEU A 210 19.52 -19.04 27.55
CA LEU A 210 18.91 -17.70 27.64
C LEU A 210 19.82 -16.72 26.97
N PHE A 211 19.28 -15.84 26.12
CA PHE A 211 20.11 -15.10 25.17
C PHE A 211 21.31 -14.38 25.84
N PRO A 212 21.08 -13.69 27.00
CA PRO A 212 22.24 -13.01 27.58
C PRO A 212 23.44 -13.86 28.14
N ASP A 213 23.27 -15.18 28.30
CA ASP A 213 24.33 -16.15 28.62
C ASP A 213 25.06 -16.71 27.39
N THR A 214 24.59 -16.38 26.18
CA THR A 214 25.22 -16.85 24.99
C THR A 214 26.71 -16.55 24.97
N THR A 215 27.47 -17.60 24.69
CA THR A 215 28.93 -17.47 24.58
C THR A 215 29.42 -17.69 23.16
N ARG A 216 30.68 -17.31 22.87
CA ARG A 216 31.28 -17.66 21.54
C ARG A 216 31.16 -19.15 21.25
N ALA A 217 31.44 -20.01 22.24
CA ALA A 217 31.33 -21.49 22.03
C ALA A 217 29.91 -21.89 21.58
N ASP A 218 28.88 -21.30 22.21
CA ASP A 218 27.50 -21.55 21.75
C ASP A 218 27.28 -21.14 20.27
N PHE A 219 27.74 -19.97 19.91
CA PHE A 219 27.63 -19.46 18.55
C PHE A 219 28.39 -20.36 17.58
N ASP A 220 29.61 -20.73 17.93
CA ASP A 220 30.40 -21.69 17.09
C ASP A 220 29.75 -23.07 16.91
N ALA A 221 29.10 -23.60 17.94
CA ALA A 221 28.42 -24.87 17.78
C ALA A 221 27.13 -24.71 16.94
N ALA A 222 26.45 -23.56 17.08
CA ALA A 222 25.31 -23.26 16.22
C ALA A 222 25.78 -23.25 14.75
N LEU A 223 26.77 -22.44 14.44
CA LEU A 223 27.36 -22.35 13.09
C LEU A 223 27.87 -23.67 12.56
N LYS A 224 28.55 -24.47 13.39
CA LYS A 224 28.98 -25.81 12.96
C LYS A 224 27.81 -26.72 12.57
N ASP A 225 26.78 -26.72 13.40
CA ASP A 225 25.61 -27.54 13.14
C ASP A 225 24.91 -27.07 11.83
N LEU A 226 24.67 -25.77 11.73
CA LEU A 226 23.96 -25.22 10.57
C LEU A 226 24.74 -25.45 9.27
N ARG A 227 26.07 -25.29 9.32
CA ARG A 227 26.90 -25.49 8.10
C ARG A 227 27.02 -26.95 7.69
N ALA A 228 26.76 -27.88 8.62
CA ALA A 228 26.80 -29.33 8.31
C ALA A 228 25.51 -29.89 7.75
N ARG A 229 24.43 -29.12 7.76
CA ARG A 229 23.12 -29.60 7.29
C ARG A 229 23.11 -29.98 5.80
N ASP A 230 22.38 -31.05 5.52
CA ASP A 230 22.23 -31.60 4.22
C ASP A 230 20.93 -31.01 3.62
N ARG A 231 21.05 -30.02 2.74
CA ARG A 231 19.92 -29.28 2.31
C ARG A 231 19.41 -29.79 0.96
N ARG A 232 18.07 -30.03 0.84
CA ARG A 232 17.45 -30.51 -0.40
C ARG A 232 16.41 -29.66 -1.11
N PHE A 233 15.91 -28.61 -0.42
CA PHE A 233 15.05 -27.65 -1.00
C PHE A 233 13.85 -28.32 -1.65
N GLY A 234 13.39 -29.40 -1.09
CA GLY A 234 12.21 -30.08 -1.61
C GLY A 234 12.46 -31.02 -2.79
N GLY A 235 13.69 -31.03 -3.38
CA GLY A 235 14.04 -31.94 -4.45
C GLY A 235 14.79 -33.19 -3.98
N TYR A 236 14.98 -34.07 -4.95
CA TYR A 236 15.75 -35.26 -4.80
C TYR A 236 17.09 -35.07 -5.50
N PRO A 237 18.13 -35.68 -4.95
CA PRO A 237 19.44 -35.62 -5.65
C PRO A 237 19.42 -36.42 -6.95
N ALA A 238 20.02 -35.86 -8.01
CA ALA A 238 20.10 -36.48 -9.35
C ALA A 238 20.52 -37.94 -9.29
N THR B 23 -5.11 -30.40 20.80
CA THR B 23 -6.26 -30.75 19.97
C THR B 23 -5.85 -30.96 18.52
N THR B 24 -5.10 -30.02 17.92
CA THR B 24 -4.91 -29.99 16.49
C THR B 24 -3.44 -30.21 16.12
N LEU B 25 -3.20 -31.30 15.39
CA LEU B 25 -1.83 -31.77 15.12
C LEU B 25 -1.55 -31.74 13.64
N MET B 26 -0.32 -31.38 13.26
CA MET B 26 0.08 -31.41 11.86
C MET B 26 1.31 -32.27 11.77
N LEU B 27 1.22 -33.32 10.95
CA LEU B 27 2.33 -34.23 10.69
C LEU B 27 2.99 -33.93 9.37
N LEU B 28 4.32 -33.90 9.38
CA LEU B 28 5.14 -33.70 8.21
C LEU B 28 5.95 -34.99 8.04
N PRO B 29 5.39 -35.95 7.30
CA PRO B 29 5.99 -37.26 7.23
C PRO B 29 7.07 -37.28 6.16
N ASP B 30 8.31 -37.47 6.58
CA ASP B 30 9.49 -37.32 5.74
C ASP B 30 10.49 -38.48 5.98
N GLY B 31 11.27 -38.79 4.93
CA GLY B 31 12.24 -39.90 4.91
C GLY B 31 11.99 -41.10 4.01
N MET B 32 11.01 -41.03 3.10
CA MET B 32 10.63 -42.22 2.35
C MET B 32 11.76 -42.66 1.37
N ARG B 33 12.33 -41.72 0.64
CA ARG B 33 13.43 -42.05 -0.31
C ARG B 33 14.60 -42.72 0.41
N ARG B 34 15.05 -42.09 1.51
CA ARG B 34 16.16 -42.68 2.27
C ARG B 34 15.77 -44.02 2.88
N TRP B 35 14.53 -44.15 3.35
CA TRP B 35 14.10 -45.41 3.92
C TRP B 35 14.09 -46.53 2.86
N SER B 36 13.64 -46.19 1.67
CA SER B 36 13.61 -47.14 0.55
C SER B 36 15.04 -47.64 0.24
N GLU B 37 15.97 -46.71 0.10
CA GLU B 37 17.38 -47.07 -0.23
C GLU B 37 18.00 -47.93 0.90
N LYS B 38 17.80 -47.53 2.16
CA LYS B 38 18.28 -48.29 3.33
C LYS B 38 17.66 -49.71 3.46
N ASN B 39 16.43 -49.88 3.01
CA ASN B 39 15.80 -51.18 3.04
C ASN B 39 15.79 -51.90 1.70
N GLY B 40 16.50 -51.34 0.71
CA GLY B 40 16.73 -52.03 -0.57
C GLY B 40 15.45 -52.35 -1.34
N VAL B 41 14.46 -51.49 -1.20
CA VAL B 41 13.17 -51.63 -1.87
C VAL B 41 12.93 -50.39 -2.74
N SER B 42 11.87 -50.42 -3.53
CA SER B 42 11.55 -49.33 -4.44
C SER B 42 10.94 -48.15 -3.64
N LEU B 43 11.00 -46.97 -4.23
CA LEU B 43 10.34 -45.75 -3.70
C LEU B 43 8.85 -46.00 -3.50
N ASP B 44 8.21 -46.66 -4.50
CA ASP B 44 6.82 -47.08 -4.36
C ASP B 44 6.59 -47.92 -3.09
N ASP B 45 7.51 -48.83 -2.77
CA ASP B 45 7.38 -49.65 -1.54
C ASP B 45 7.55 -48.80 -0.27
N GLY B 46 8.44 -47.80 -0.36
CA GLY B 46 8.69 -46.85 0.69
C GLY B 46 7.46 -46.01 0.99
N TYR B 47 6.85 -45.53 -0.07
CA TYR B 47 5.60 -44.77 0.03
C TYR B 47 4.42 -45.62 0.43
N ALA B 48 4.36 -46.91 0.05
CA ALA B 48 3.35 -47.83 0.62
C ALA B 48 3.57 -48.05 2.12
N ALA B 49 4.83 -48.26 2.53
CA ALA B 49 5.12 -48.31 3.96
C ALA B 49 4.62 -47.05 4.65
N MET B 50 4.85 -45.91 4.01
CA MET B 50 4.35 -44.63 4.59
C MET B 50 2.85 -44.68 4.77
N GLY B 51 2.16 -45.03 3.67
CA GLY B 51 0.71 -45.22 3.66
C GLY B 51 0.24 -46.01 4.86
N ASP B 52 0.82 -47.20 5.05
CA ASP B 52 0.47 -48.03 6.21
C ASP B 52 0.78 -47.37 7.54
N LYS B 53 1.92 -46.69 7.60
CA LYS B 53 2.29 -46.01 8.84
C LYS B 53 1.32 -44.85 9.16
N ILE B 54 0.91 -44.13 8.12
CA ILE B 54 -0.13 -43.06 8.33
C ILE B 54 -1.44 -43.61 8.98
N ILE B 55 -1.91 -44.78 8.53
CA ILE B 55 -3.13 -45.39 9.12
C ILE B 55 -2.94 -45.73 10.61
N GLU B 56 -1.77 -46.31 10.94
CA GLU B 56 -1.32 -46.55 12.35
C GLU B 56 -1.30 -45.29 13.18
N PHE B 57 -0.64 -44.29 12.61
CA PHE B 57 -0.44 -42.96 13.27
C PHE B 57 -1.75 -42.32 13.65
N MET B 58 -2.66 -42.28 12.69
CA MET B 58 -4.00 -41.74 12.93
C MET B 58 -4.72 -42.41 14.10
N GLY B 59 -4.56 -43.74 14.21
CA GLY B 59 -5.12 -44.52 15.31
C GLY B 59 -4.60 -43.99 16.61
N TRP B 60 -3.26 -43.90 16.70
CA TRP B 60 -2.57 -43.32 17.84
C TRP B 60 -3.11 -41.93 18.19
N ALA B 61 -3.24 -41.07 17.17
CA ALA B 61 -3.77 -39.68 17.32
C ALA B 61 -5.17 -39.62 17.91
N LYS B 62 -6.08 -40.40 17.31
CA LYS B 62 -7.50 -40.54 17.76
C LYS B 62 -7.54 -40.98 19.19
N GLU B 63 -6.72 -41.97 19.47
CA GLU B 63 -6.62 -42.56 20.80
C GLU B 63 -5.95 -41.60 21.80
N GLU B 64 -5.16 -40.63 21.33
CA GLU B 64 -4.62 -39.57 22.21
C GLU B 64 -5.43 -38.25 22.27
N GLY B 65 -6.65 -38.19 21.72
CA GLY B 65 -7.48 -36.98 21.79
C GLY B 65 -7.26 -35.92 20.71
N VAL B 66 -6.62 -36.30 19.61
CA VAL B 66 -6.49 -35.41 18.45
C VAL B 66 -7.85 -35.41 17.75
N LYS B 67 -8.43 -34.24 17.53
CA LYS B 67 -9.66 -34.17 16.72
C LYS B 67 -9.37 -33.85 15.24
N THR B 68 -8.32 -33.06 14.98
CA THR B 68 -7.95 -32.67 13.59
C THR B 68 -6.46 -32.92 13.38
N LEU B 69 -6.17 -33.67 12.31
CA LEU B 69 -4.86 -34.09 11.92
C LEU B 69 -4.62 -33.59 10.49
N TYR B 70 -3.70 -32.65 10.33
CA TYR B 70 -3.35 -32.15 9.02
C TYR B 70 -2.14 -32.96 8.65
N ILE B 71 -1.99 -33.25 7.39
CA ILE B 71 -0.81 -33.92 6.93
C ILE B 71 -0.33 -33.20 5.72
N THR B 72 0.95 -32.87 5.71
CA THR B 72 1.50 -32.17 4.61
C THR B 72 1.92 -33.19 3.56
N ALA B 73 1.01 -33.49 2.63
CA ALA B 73 1.32 -34.46 1.53
C ALA B 73 2.44 -34.00 0.64
N SER B 74 2.51 -32.70 0.44
CA SER B 74 3.54 -32.18 -0.45
C SER B 74 3.76 -30.69 -0.25
N SER B 75 4.99 -30.26 -0.51
CA SER B 75 5.30 -28.84 -0.77
C SER B 75 5.22 -28.52 -2.25
N ALA B 76 5.30 -27.25 -2.54
CA ALA B 76 5.40 -26.77 -3.91
C ALA B 76 6.58 -27.42 -4.62
N ALA B 77 7.75 -27.28 -4.02
CA ALA B 77 9.02 -27.80 -4.59
C ALA B 77 8.97 -29.31 -4.77
N ASN B 78 8.32 -30.03 -3.87
CA ASN B 78 8.13 -31.49 -4.06
C ASN B 78 7.51 -31.87 -5.39
N HIS B 79 6.62 -31.02 -5.88
CA HIS B 79 6.02 -31.16 -7.22
C HIS B 79 7.02 -30.93 -8.36
N GLY B 80 8.20 -30.41 -8.06
CA GLY B 80 9.30 -30.32 -9.03
C GLY B 80 10.20 -31.56 -9.11
N ARG B 81 9.96 -32.54 -8.24
CA ARG B 81 10.69 -33.81 -8.30
C ARG B 81 10.36 -34.52 -9.60
N PRO B 82 11.11 -35.57 -9.94
CA PRO B 82 10.72 -36.25 -11.20
C PRO B 82 9.29 -36.83 -11.17
N GLU B 83 8.70 -36.91 -12.36
CA GLU B 83 7.31 -37.35 -12.53
C GLU B 83 6.98 -38.62 -11.76
N ALA B 84 7.91 -39.57 -11.82
CA ALA B 84 7.68 -40.84 -11.12
C ALA B 84 7.68 -40.68 -9.63
N ALA B 85 8.51 -39.78 -9.12
CA ALA B 85 8.59 -39.56 -7.68
C ALA B 85 7.28 -38.87 -7.20
N VAL B 86 6.80 -37.95 -8.04
CA VAL B 86 5.56 -37.20 -7.81
C VAL B 86 4.34 -38.15 -7.85
N ASN B 87 4.20 -38.95 -8.90
CA ASN B 87 3.06 -39.87 -8.92
C ASN B 87 3.08 -40.84 -7.78
N THR B 88 4.28 -41.29 -7.40
CA THR B 88 4.47 -42.11 -6.24
C THR B 88 3.90 -41.48 -4.97
N PHE B 89 4.24 -40.25 -4.61
CA PHE B 89 3.66 -39.71 -3.37
C PHE B 89 2.15 -39.48 -3.50
N MET B 90 1.74 -39.02 -4.66
CA MET B 90 0.32 -38.74 -4.85
C MET B 90 -0.53 -40.02 -4.66
N GLU B 91 -0.11 -41.08 -5.35
CA GLU B 91 -0.81 -42.38 -5.30
C GLU B 91 -0.85 -42.87 -3.89
N ALA B 92 0.26 -42.79 -3.15
CA ALA B 92 0.27 -43.38 -1.84
C ALA B 92 -0.60 -42.62 -0.88
N PHE B 93 -0.48 -41.28 -0.89
CA PHE B 93 -1.37 -40.43 -0.12
C PHE B 93 -2.87 -40.66 -0.52
N THR B 94 -3.14 -40.78 -1.79
CA THR B 94 -4.53 -41.00 -2.21
C THR B 94 -4.99 -42.41 -1.68
N GLU B 95 -4.15 -43.43 -1.83
CA GLU B 95 -4.47 -44.81 -1.36
C GLU B 95 -4.92 -44.86 0.10
N VAL B 96 -4.32 -44.05 0.96
CA VAL B 96 -4.74 -43.97 2.37
C VAL B 96 -6.23 -43.58 2.43
N ILE B 97 -6.64 -42.64 1.58
CA ILE B 97 -8.01 -42.09 1.65
C ILE B 97 -8.99 -43.13 1.07
N ARG B 98 -8.59 -43.83 0.00
CA ARG B 98 -9.49 -44.84 -0.54
C ARG B 98 -9.79 -45.85 0.52
N ARG B 99 -8.75 -46.27 1.26
CA ARG B 99 -8.90 -47.34 2.29
C ARG B 99 -9.69 -46.90 3.55
N CYS B 100 -9.47 -45.66 3.98
CA CYS B 100 -9.99 -45.16 5.29
C CYS B 100 -11.07 -44.08 5.25
N HIS B 101 -11.44 -43.58 4.07
CA HIS B 101 -12.46 -42.48 3.99
C HIS B 101 -13.77 -42.62 4.81
N SER B 102 -14.29 -43.84 5.02
CA SER B 102 -15.52 -43.94 5.88
C SER B 102 -15.24 -43.85 7.42
N GLN B 103 -13.96 -43.85 7.77
CA GLN B 103 -13.52 -43.66 9.16
C GLN B 103 -13.38 -42.21 9.61
N PHE B 104 -13.45 -41.21 8.71
CA PHE B 104 -13.21 -39.79 9.09
C PHE B 104 -13.83 -38.78 8.12
N LYS B 105 -13.81 -37.49 8.52
CA LYS B 105 -14.11 -36.37 7.66
C LYS B 105 -12.81 -35.93 6.93
N PHE B 106 -12.80 -36.02 5.62
CA PHE B 106 -11.60 -35.74 4.83
C PHE B 106 -11.71 -34.46 4.01
N ASP B 107 -10.65 -33.65 4.01
CA ASP B 107 -10.60 -32.52 3.06
C ASP B 107 -9.19 -32.28 2.63
N PHE B 108 -9.02 -31.47 1.58
CA PHE B 108 -7.68 -31.15 1.11
C PHE B 108 -7.66 -29.71 0.63
N SER B 109 -6.46 -29.14 0.57
CA SER B 109 -6.25 -27.72 0.13
C SER B 109 -4.76 -27.53 -0.23
N GLY B 110 -4.46 -26.34 -0.74
CA GLY B 110 -3.12 -25.96 -1.15
C GLY B 110 -3.06 -25.44 -2.57
N SER B 111 -1.87 -25.55 -3.11
CA SER B 111 -1.54 -25.14 -4.50
C SER B 111 -1.99 -26.18 -5.49
N LEU B 112 -3.30 -26.23 -5.67
CA LEU B 112 -3.94 -27.29 -6.44
C LEU B 112 -3.65 -27.19 -7.93
N ASP B 113 -3.17 -26.04 -8.39
CA ASP B 113 -2.71 -25.91 -9.77
C ASP B 113 -1.48 -26.76 -10.06
N LEU B 114 -0.74 -27.15 -9.03
CA LEU B 114 0.45 -27.98 -9.20
C LEU B 114 0.16 -29.49 -9.28
N VAL B 115 -1.06 -29.88 -8.97
CA VAL B 115 -1.50 -31.28 -8.83
C VAL B 115 -2.31 -31.69 -10.04
N SER B 116 -2.13 -32.93 -10.52
CA SER B 116 -2.82 -33.37 -11.73
C SER B 116 -4.33 -33.47 -11.52
N GLU B 117 -5.05 -33.20 -12.58
CA GLU B 117 -6.53 -33.30 -12.70
C GLU B 117 -7.14 -34.59 -12.14
N ASP B 118 -6.53 -35.71 -12.52
CA ASP B 118 -6.98 -37.05 -12.09
C ASP B 118 -7.06 -37.16 -10.57
N TYR B 119 -5.99 -36.72 -9.91
CA TYR B 119 -5.89 -36.83 -8.45
C TYR B 119 -6.88 -35.87 -7.76
N LEU B 120 -7.05 -34.67 -8.32
CA LEU B 120 -8.02 -33.71 -7.77
C LEU B 120 -9.45 -34.25 -7.88
N THR B 121 -9.75 -34.82 -9.04
CA THR B 121 -11.03 -35.54 -9.23
C THR B 121 -11.27 -36.57 -8.17
N GLU B 122 -10.31 -37.48 -8.04
CA GLU B 122 -10.43 -38.60 -7.12
C GLU B 122 -10.50 -38.16 -5.68
N LEU B 123 -9.66 -37.18 -5.35
CA LEU B 123 -9.65 -36.63 -4.03
C LEU B 123 -10.98 -35.91 -3.76
N SER B 124 -11.47 -35.15 -4.74
CA SER B 124 -12.80 -34.49 -4.65
C SER B 124 -13.91 -35.49 -4.29
N ALA B 125 -13.98 -36.57 -5.06
CA ALA B 125 -14.91 -37.71 -4.81
C ALA B 125 -14.77 -38.33 -3.43
N LEU B 126 -13.53 -38.58 -3.03
CA LEU B 126 -13.29 -39.15 -1.71
C LEU B 126 -13.77 -38.23 -0.63
N ARG B 127 -13.49 -36.92 -0.74
CA ARG B 127 -14.09 -35.93 0.15
C ARG B 127 -15.62 -36.13 0.17
N ASP B 128 -16.23 -36.18 -1.02
CA ASP B 128 -17.70 -36.45 -1.18
C ASP B 128 -18.08 -37.73 -0.39
N LYS B 129 -17.35 -38.80 -0.66
CA LYS B 129 -17.60 -40.13 -0.08
C LYS B 129 -17.26 -40.29 1.43
N SER B 130 -16.63 -39.27 2.06
CA SER B 130 -16.14 -39.41 3.42
C SER B 130 -17.26 -39.10 4.37
N ASP B 131 -17.05 -39.42 5.64
CA ASP B 131 -18.12 -39.38 6.65
C ASP B 131 -18.16 -37.95 7.14
N SER B 132 -18.90 -37.11 6.43
CA SER B 132 -19.09 -35.70 6.82
C SER B 132 -19.50 -35.50 8.29
N GLU B 133 -20.00 -36.56 8.95
CA GLU B 133 -20.43 -36.49 10.36
C GLU B 133 -19.37 -36.88 11.42
N SER B 134 -18.15 -37.25 11.02
CA SER B 134 -17.12 -37.73 11.99
C SER B 134 -16.66 -36.68 13.00
N ASP B 135 -16.22 -37.15 14.15
CA ASP B 135 -15.57 -36.31 15.17
C ASP B 135 -14.06 -36.10 14.94
N PHE B 136 -13.51 -36.84 14.00
CA PHE B 136 -12.11 -36.72 13.64
C PHE B 136 -12.03 -36.22 12.23
N THR B 137 -11.21 -35.18 12.00
CA THR B 137 -10.85 -34.69 10.66
C THR B 137 -9.41 -35.03 10.22
N LEU B 138 -9.22 -35.43 8.97
CA LEU B 138 -7.91 -35.69 8.34
C LEU B 138 -7.88 -34.83 7.09
N HIS B 139 -6.95 -33.90 7.02
CA HIS B 139 -6.90 -32.95 5.95
C HIS B 139 -5.51 -32.90 5.33
N TYR B 140 -5.41 -33.05 4.01
CA TYR B 140 -4.11 -32.93 3.32
C TYR B 140 -3.86 -31.52 2.82
N ILE B 141 -2.64 -31.03 3.02
CA ILE B 141 -2.17 -29.88 2.25
C ILE B 141 -1.25 -30.39 1.14
N LEU B 142 -1.46 -29.87 -0.07
CA LEU B 142 -0.78 -30.28 -1.28
C LEU B 142 -0.14 -29.07 -1.83
N GLY B 143 1.10 -29.22 -2.31
CA GLY B 143 1.84 -28.06 -2.82
C GLY B 143 2.07 -26.94 -1.84
N MET B 144 2.21 -27.27 -0.56
CA MET B 144 2.33 -26.29 0.50
C MET B 144 3.50 -25.34 0.26
N SER B 145 3.28 -24.05 0.50
CA SER B 145 4.28 -23.01 0.32
C SER B 145 3.67 -21.65 0.61
N LEU B 146 4.23 -20.96 1.57
CA LEU B 146 3.74 -19.60 1.93
C LEU B 146 3.72 -18.68 0.70
N SER B 147 4.79 -18.67 -0.09
CA SER B 147 4.81 -17.76 -1.25
C SER B 147 3.72 -18.11 -2.29
N HIS B 148 3.54 -19.39 -2.60
CA HIS B 148 2.45 -19.82 -3.48
C HIS B 148 1.04 -19.50 -2.92
N GLU B 149 0.88 -19.75 -1.63
CA GLU B 149 -0.33 -19.43 -0.88
C GLU B 149 -0.68 -17.92 -1.04
N VAL B 150 0.29 -17.06 -0.79
CA VAL B 150 0.09 -15.62 -0.77
C VAL B 150 -0.07 -15.09 -2.19
N VAL B 151 0.73 -15.56 -3.13
CA VAL B 151 0.54 -15.19 -4.55
C VAL B 151 -0.87 -15.52 -5.05
N GLY B 152 -1.34 -16.71 -4.71
CA GLY B 152 -2.66 -17.13 -5.10
C GLY B 152 -3.81 -16.31 -4.45
N ILE B 153 -3.63 -15.97 -3.19
CA ILE B 153 -4.68 -15.26 -2.45
C ILE B 153 -4.75 -13.83 -2.98
N PHE B 154 -3.59 -13.24 -3.23
CA PHE B 154 -3.55 -11.91 -3.73
C PHE B 154 -4.28 -11.87 -5.09
N ASN B 155 -3.95 -12.82 -5.97
CA ASN B 155 -4.45 -12.74 -7.33
C ASN B 155 -5.97 -13.03 -7.36
N LYS B 156 -6.48 -13.81 -6.40
CA LYS B 156 -7.85 -14.16 -6.34
C LYS B 156 -8.62 -12.91 -5.92
N LEU B 157 -8.02 -12.07 -5.05
CA LEU B 157 -8.79 -10.99 -4.39
C LEU B 157 -8.37 -9.58 -4.80
N ASN B 158 -7.32 -9.47 -5.63
CA ASN B 158 -6.84 -8.15 -6.14
C ASN B 158 -7.95 -7.36 -6.85
N GLY B 159 -8.25 -6.16 -6.40
CA GLY B 159 -9.23 -5.30 -6.95
C GLY B 159 -10.69 -5.71 -6.73
N LYS B 160 -10.94 -6.71 -5.89
CA LYS B 160 -12.31 -7.25 -5.62
C LYS B 160 -12.79 -7.04 -4.23
N ILE B 161 -11.87 -6.66 -3.34
CA ILE B 161 -12.22 -6.37 -1.96
C ILE B 161 -11.57 -5.04 -1.58
N PRO B 162 -12.18 -4.28 -0.66
CA PRO B 162 -11.62 -2.99 -0.37
C PRO B 162 -10.29 -3.10 0.42
N GLU B 163 -10.18 -4.16 1.19
CA GLU B 163 -9.21 -4.27 2.26
C GLU B 163 -8.96 -5.75 2.66
N MET B 164 -7.72 -6.27 2.61
CA MET B 164 -7.43 -7.54 3.39
C MET B 164 -7.56 -7.34 4.93
N THR B 165 -8.13 -8.31 5.61
CA THR B 165 -8.12 -8.42 7.06
C THR B 165 -7.67 -9.81 7.50
N GLU B 166 -7.32 -9.92 8.78
CA GLU B 166 -6.97 -11.18 9.43
C GLU B 166 -7.97 -12.26 9.14
N GLU B 167 -9.26 -11.87 9.15
CA GLU B 167 -10.35 -12.80 9.03
C GLU B 167 -10.48 -13.29 7.60
N ILE B 168 -10.31 -12.39 6.64
CA ILE B 168 -10.32 -12.77 5.25
C ILE B 168 -9.10 -13.65 4.96
N LEU B 169 -7.97 -13.27 5.52
CA LEU B 169 -6.77 -14.08 5.27
C LEU B 169 -7.00 -15.51 5.81
N ALA B 170 -7.58 -15.64 7.01
CA ALA B 170 -7.76 -16.98 7.66
C ALA B 170 -8.67 -17.83 6.86
N GLU B 171 -9.67 -17.19 6.27
CA GLU B 171 -10.67 -17.93 5.55
C GLU B 171 -10.18 -18.34 4.18
N ASN B 172 -8.99 -17.85 3.76
CA ASN B 172 -8.38 -18.18 2.47
C ASN B 172 -7.06 -18.94 2.61
N ALA B 173 -6.57 -19.13 3.85
CA ALA B 173 -5.28 -19.79 4.05
C ALA B 173 -5.45 -21.28 3.76
N TYR B 174 -4.38 -21.90 3.31
CA TYR B 174 -4.39 -23.34 3.10
C TYR B 174 -4.81 -24.16 4.33
N VAL B 175 -4.32 -23.81 5.46
CA VAL B 175 -4.62 -24.54 6.64
C VAL B 175 -5.74 -23.75 7.30
N PRO B 176 -6.98 -24.25 7.23
CA PRO B 176 -8.10 -23.43 7.71
C PRO B 176 -8.31 -23.24 9.20
N THR B 177 -7.60 -23.93 10.09
CA THR B 177 -7.77 -23.73 11.57
C THR B 177 -6.38 -23.54 12.15
N GLN B 178 -6.33 -23.24 13.45
CA GLN B 178 -5.07 -23.12 14.16
C GLN B 178 -4.40 -24.46 14.46
N VAL B 179 -3.06 -24.53 14.29
CA VAL B 179 -2.32 -25.77 14.57
C VAL B 179 -1.59 -25.62 15.91
N ASP B 180 -1.83 -26.55 16.83
CA ASP B 180 -1.16 -26.54 18.07
C ASP B 180 0.24 -27.12 18.00
N TYR B 181 0.35 -28.32 17.41
CA TYR B 181 1.57 -29.13 17.43
C TYR B 181 1.95 -29.54 16.00
N ILE B 182 3.25 -29.60 15.74
CA ILE B 182 3.79 -30.08 14.50
C ILE B 182 4.86 -31.11 14.86
N ILE B 183 4.73 -32.30 14.29
CA ILE B 183 5.76 -33.33 14.25
C ILE B 183 6.37 -33.42 12.85
N ARG B 184 7.67 -33.31 12.76
CA ARG B 184 8.34 -33.48 11.50
C ARG B 184 9.41 -34.57 11.65
N THR B 185 9.27 -35.66 10.93
CA THR B 185 10.28 -36.71 10.92
C THR B 185 11.34 -36.47 9.85
N GLY B 186 12.26 -37.43 9.70
CA GLY B 186 13.23 -37.39 8.62
C GLY B 186 14.50 -36.68 8.96
N GLY B 187 14.73 -36.43 10.24
CA GLY B 187 16.05 -35.88 10.63
C GLY B 187 16.52 -34.60 9.98
N ALA B 188 15.69 -33.58 9.98
CA ALA B 188 15.99 -32.32 9.37
C ALA B 188 15.27 -31.26 10.19
N ILE B 189 16.02 -30.31 10.70
CA ILE B 189 15.44 -29.33 11.62
C ILE B 189 15.25 -28.06 10.80
N ARG B 190 14.11 -28.00 10.14
CA ARG B 190 13.76 -26.94 9.20
C ARG B 190 12.29 -27.19 8.93
N MET B 191 11.62 -26.16 8.41
CA MET B 191 10.19 -26.27 8.11
C MET B 191 9.90 -26.78 6.70
N SER B 192 10.86 -26.61 5.77
CA SER B 192 10.72 -27.15 4.39
C SER B 192 9.41 -26.77 3.67
N SER B 193 9.02 -25.49 3.86
CA SER B 193 7.91 -24.86 3.26
C SER B 193 6.58 -25.17 3.90
N PHE B 194 6.60 -25.86 5.03
CA PHE B 194 5.40 -26.40 5.66
C PHE B 194 4.93 -25.54 6.85
N PHE B 195 5.41 -24.31 6.98
CA PHE B 195 5.03 -23.50 8.08
C PHE B 195 3.55 -23.04 7.90
N PRO B 196 2.71 -23.19 8.93
CA PRO B 196 1.26 -22.84 8.81
C PRO B 196 1.02 -21.33 9.06
N LEU B 197 0.56 -20.67 8.00
CA LEU B 197 0.50 -19.21 7.88
C LEU B 197 -0.10 -18.61 9.10
N MET B 198 -1.29 -19.12 9.51
CA MET B 198 -2.00 -18.53 10.66
C MET B 198 -1.74 -19.18 12.04
N SER B 199 -0.69 -20.01 12.21
CA SER B 199 -0.31 -20.59 13.51
C SER B 199 1.11 -20.25 13.97
N PRO B 200 1.37 -18.95 14.20
CA PRO B 200 2.69 -18.49 14.59
C PRO B 200 3.35 -19.20 15.75
N TYR B 201 2.54 -19.68 16.71
CA TYR B 201 2.99 -20.30 17.97
C TYR B 201 2.80 -21.81 17.98
N ALA B 202 2.63 -22.41 16.82
CA ALA B 202 2.64 -23.89 16.75
C ALA B 202 3.93 -24.44 17.35
N GLU B 203 3.83 -25.48 18.17
CA GLU B 203 5.00 -26.07 18.76
C GLU B 203 5.55 -27.07 17.78
N LEU B 204 6.86 -27.15 17.74
CA LEU B 204 7.62 -28.04 16.79
C LEU B 204 8.37 -29.17 17.50
N HIS B 205 8.11 -30.41 17.08
CA HIS B 205 8.89 -31.58 17.54
C HIS B 205 9.54 -32.20 16.33
N PHE B 206 10.84 -32.24 16.35
CA PHE B 206 11.62 -32.82 15.28
C PHE B 206 12.10 -34.20 15.72
N SER B 207 11.86 -35.19 14.90
CA SER B 207 12.33 -36.56 15.18
C SER B 207 13.34 -36.94 14.10
N PRO B 208 14.50 -37.49 14.51
CA PRO B 208 15.48 -37.96 13.51
C PRO B 208 15.08 -39.27 12.77
N VAL B 209 13.95 -39.86 13.17
CA VAL B 209 13.49 -41.17 12.62
C VAL B 209 12.98 -40.98 11.16
N LEU B 210 13.30 -41.88 10.24
CA LEU B 210 12.75 -41.80 8.89
C LEU B 210 11.32 -42.24 9.06
N PHE B 211 10.37 -41.58 8.39
CA PHE B 211 8.96 -41.71 8.76
C PHE B 211 8.47 -43.18 8.82
N PRO B 212 8.81 -43.98 7.80
CA PRO B 212 8.28 -45.38 7.86
C PRO B 212 8.74 -46.23 9.07
N ASP B 213 9.78 -45.78 9.78
CA ASP B 213 10.28 -46.45 10.99
C ASP B 213 9.62 -45.99 12.30
N THR B 214 8.79 -44.95 12.20
CA THR B 214 8.17 -44.35 13.36
C THR B 214 7.41 -45.40 14.17
N THR B 215 7.62 -45.48 15.46
CA THR B 215 6.87 -46.38 16.34
C THR B 215 5.90 -45.61 17.22
N ARG B 216 5.06 -46.31 17.97
CA ARG B 216 4.25 -45.62 19.02
C ARG B 216 5.11 -44.94 20.11
N ALA B 217 6.24 -45.54 20.44
CA ALA B 217 7.13 -44.93 21.46
C ALA B 217 7.61 -43.55 21.00
N ASP B 218 8.02 -43.46 19.73
CA ASP B 218 8.30 -42.19 19.01
C ASP B 218 7.13 -41.24 19.11
N PHE B 219 5.95 -41.73 18.77
CA PHE B 219 4.76 -40.90 18.87
C PHE B 219 4.54 -40.41 20.32
N ASP B 220 4.63 -41.32 21.29
CA ASP B 220 4.39 -40.89 22.72
C ASP B 220 5.47 -39.95 23.24
N ALA B 221 6.71 -40.13 22.80
CA ALA B 221 7.79 -39.24 23.21
C ALA B 221 7.55 -37.83 22.58
N ALA B 222 6.96 -37.80 21.39
CA ALA B 222 6.64 -36.50 20.75
C ALA B 222 5.53 -35.77 21.52
N LEU B 223 4.43 -36.46 21.75
CA LEU B 223 3.36 -35.89 22.54
C LEU B 223 3.78 -35.49 23.95
N LYS B 224 4.65 -36.28 24.59
CA LYS B 224 5.14 -35.94 25.92
C LYS B 224 6.01 -34.63 25.94
N ASP B 225 6.93 -34.49 24.99
CA ASP B 225 7.66 -33.21 24.75
C ASP B 225 6.68 -32.03 24.47
N LEU B 226 5.80 -32.21 23.48
CA LEU B 226 4.83 -31.15 23.08
C LEU B 226 3.90 -30.70 24.23
N ARG B 227 3.43 -31.63 25.05
CA ARG B 227 2.48 -31.28 26.15
C ARG B 227 3.20 -30.63 27.32
N ALA B 228 4.49 -30.87 27.47
CA ALA B 228 5.23 -30.25 28.53
C ALA B 228 5.67 -28.83 28.19
N ARG B 229 5.44 -28.35 26.96
CA ARG B 229 5.93 -27.04 26.60
C ARG B 229 5.11 -25.97 27.32
N ASP B 230 5.84 -25.00 27.86
CA ASP B 230 5.25 -23.75 28.35
C ASP B 230 5.04 -22.79 27.21
N ARG B 231 3.79 -22.44 26.91
CA ARG B 231 3.48 -21.70 25.69
C ARG B 231 3.11 -20.31 26.13
N ARG B 232 3.64 -19.29 25.46
CA ARG B 232 3.42 -17.90 25.90
C ARG B 232 2.79 -16.98 24.84
N PHE B 233 2.77 -17.43 23.58
CA PHE B 233 2.13 -16.71 22.50
C PHE B 233 2.57 -15.25 22.38
N GLY B 234 3.83 -14.98 22.71
CA GLY B 234 4.35 -13.63 22.62
C GLY B 234 4.10 -12.73 23.83
N GLY B 235 3.36 -13.23 24.85
CA GLY B 235 3.08 -12.50 26.08
C GLY B 235 3.96 -12.94 27.27
N TYR B 236 3.77 -12.25 28.38
CA TYR B 236 4.47 -12.60 29.64
C TYR B 236 3.47 -13.26 30.58
N PRO B 237 3.80 -14.46 31.11
CA PRO B 237 2.90 -15.12 32.10
C PRO B 237 2.73 -14.26 33.31
N ALA B 238 1.49 -13.86 33.58
CA ALA B 238 1.20 -13.06 34.78
C ALA B 238 0.50 -13.90 35.84
N THR C 23 -11.91 33.61 3.90
CA THR C 23 -10.76 34.43 4.39
C THR C 23 -9.35 33.94 3.94
N THR C 24 -9.24 32.72 3.38
CA THR C 24 -8.03 32.33 2.60
C THR C 24 -8.37 32.35 1.08
N LEU C 25 -7.60 33.17 0.36
CA LEU C 25 -7.80 33.48 -1.06
C LEU C 25 -6.50 33.23 -1.80
N MET C 26 -6.61 32.63 -2.98
CA MET C 26 -5.47 32.39 -3.85
C MET C 26 -5.78 33.13 -5.16
N LEU C 27 -4.86 33.99 -5.59
CA LEU C 27 -5.03 34.69 -6.86
C LEU C 27 -4.04 34.12 -7.87
N LEU C 28 -4.54 33.93 -9.07
CA LEU C 28 -3.83 33.38 -10.17
C LEU C 28 -3.78 34.49 -11.23
N PRO C 29 -2.75 35.36 -11.18
CA PRO C 29 -2.70 36.54 -12.03
C PRO C 29 -2.20 36.24 -13.45
N ASP C 30 -3.07 36.43 -14.42
CA ASP C 30 -2.81 35.99 -15.77
C ASP C 30 -3.25 37.03 -16.82
N GLY C 31 -2.46 37.10 -17.89
CA GLY C 31 -2.72 37.96 -19.06
C GLY C 31 -1.72 39.07 -19.37
N MET C 32 -0.49 38.97 -18.86
CA MET C 32 0.50 40.07 -18.90
C MET C 32 1.07 40.27 -20.29
N ARG C 33 1.36 39.17 -20.98
CA ARG C 33 1.81 39.27 -22.38
C ARG C 33 0.69 39.85 -23.26
N ARG C 34 -0.52 39.31 -23.25
CA ARG C 34 -1.63 39.98 -23.95
C ARG C 34 -1.79 41.49 -23.60
N TRP C 35 -1.67 41.84 -22.33
CA TRP C 35 -1.84 43.22 -21.92
C TRP C 35 -0.73 44.12 -22.47
N SER C 36 0.50 43.66 -22.33
CA SER C 36 1.67 44.17 -23.02
C SER C 36 1.44 44.50 -24.49
N GLU C 37 0.89 43.53 -25.21
CA GLU C 37 0.77 43.65 -26.67
C GLU C 37 -0.40 44.56 -26.99
N LYS C 38 -1.51 44.38 -26.27
CA LYS C 38 -2.63 45.26 -26.44
C LYS C 38 -2.11 46.69 -26.26
N ASN C 39 -1.30 46.99 -25.24
CA ASN C 39 -0.90 48.37 -25.02
C ASN C 39 0.31 48.83 -25.85
N GLY C 40 0.90 47.93 -26.61
CA GLY C 40 2.08 48.25 -27.43
C GLY C 40 3.36 48.48 -26.67
N VAL C 41 3.48 47.83 -25.49
CA VAL C 41 4.68 47.95 -24.63
C VAL C 41 5.38 46.58 -24.46
N SER C 42 6.56 46.60 -23.84
CA SER C 42 7.32 45.41 -23.49
C SER C 42 6.67 44.59 -22.35
N LEU C 43 7.17 43.36 -22.22
CA LEU C 43 6.75 42.39 -21.19
C LEU C 43 7.05 42.87 -19.78
N ASP C 44 8.27 43.37 -19.59
CA ASP C 44 8.73 44.16 -18.42
C ASP C 44 7.67 45.16 -17.96
N ASP C 45 7.15 45.97 -18.88
CA ASP C 45 6.18 46.99 -18.52
C ASP C 45 4.84 46.36 -18.13
N GLY C 46 4.46 45.31 -18.86
CA GLY C 46 3.20 44.58 -18.55
C GLY C 46 3.26 43.97 -17.16
N TYR C 47 4.39 43.41 -16.88
CA TYR C 47 4.67 42.82 -15.53
C TYR C 47 4.82 43.86 -14.45
N ALA C 48 5.37 45.02 -14.80
CA ALA C 48 5.46 46.14 -13.86
C ALA C 48 4.05 46.63 -13.45
N ALA C 49 3.14 46.78 -14.41
CA ALA C 49 1.71 47.03 -14.12
C ALA C 49 1.07 45.92 -13.26
N MET C 50 1.48 44.68 -13.48
CA MET C 50 1.03 43.56 -12.64
C MET C 50 1.40 43.84 -11.19
N GLY C 51 2.66 44.15 -11.00
CA GLY C 51 3.24 44.54 -9.72
C GLY C 51 2.51 45.63 -8.94
N ASP C 52 2.28 46.78 -9.60
CA ASP C 52 1.54 47.88 -8.94
C ASP C 52 0.13 47.39 -8.62
N LYS C 53 -0.44 46.57 -9.51
CA LYS C 53 -1.78 46.03 -9.35
C LYS C 53 -1.97 44.97 -8.26
N ILE C 54 -0.97 44.13 -8.06
CA ILE C 54 -0.97 43.19 -6.96
C ILE C 54 -1.12 44.05 -5.69
N ILE C 55 -0.32 45.11 -5.59
CA ILE C 55 -0.31 45.99 -4.41
C ILE C 55 -1.71 46.55 -4.12
N GLU C 56 -2.42 47.01 -5.16
CA GLU C 56 -3.80 47.47 -5.04
C GLU C 56 -4.73 46.36 -4.56
N PHE C 57 -4.76 45.27 -5.33
CA PHE C 57 -5.50 44.03 -5.01
C PHE C 57 -5.37 43.66 -3.53
N MET C 58 -4.13 43.66 -3.05
CA MET C 58 -3.79 43.36 -1.66
C MET C 58 -4.58 44.23 -0.65
N GLY C 59 -4.83 45.50 -1.00
CA GLY C 59 -5.66 46.40 -0.17
C GLY C 59 -7.14 46.14 -0.26
N TRP C 60 -7.60 45.84 -1.47
CA TRP C 60 -8.96 45.35 -1.61
C TRP C 60 -9.16 44.10 -0.69
N ALA C 61 -8.14 43.23 -0.61
CA ALA C 61 -8.27 41.94 0.13
C ALA C 61 -8.31 42.16 1.64
N LYS C 62 -7.28 42.85 2.15
CA LYS C 62 -7.22 43.35 3.52
C LYS C 62 -8.53 44.02 3.94
N GLU C 63 -9.01 44.97 3.15
CA GLU C 63 -10.29 45.62 3.45
C GLU C 63 -11.51 44.66 3.47
N GLU C 64 -11.42 43.57 2.74
CA GLU C 64 -12.50 42.56 2.79
C GLU C 64 -12.32 41.45 3.82
N GLY C 65 -11.34 41.56 4.70
CA GLY C 65 -11.22 40.60 5.79
C GLY C 65 -10.52 39.31 5.38
N VAL C 66 -9.70 39.39 4.34
CA VAL C 66 -8.82 38.30 3.95
C VAL C 66 -7.56 38.35 4.82
N LYS C 67 -7.25 37.20 5.39
CA LYS C 67 -6.19 37.05 6.32
C LYS C 67 -4.95 36.48 5.61
N THR C 68 -5.15 35.57 4.65
CA THR C 68 -4.04 34.97 3.90
C THR C 68 -4.35 35.04 2.40
N LEU C 69 -3.35 35.45 1.61
CA LEU C 69 -3.45 35.56 0.15
C LEU C 69 -2.32 34.79 -0.51
N TYR C 70 -2.64 33.66 -1.12
CA TYR C 70 -1.66 32.98 -1.97
C TYR C 70 -1.66 33.65 -3.36
N ILE C 71 -0.48 33.73 -3.95
CA ILE C 71 -0.35 34.23 -5.33
C ILE C 71 0.51 33.27 -6.08
N THR C 72 -0.05 32.72 -7.14
CA THR C 72 0.68 31.79 -7.96
C THR C 72 1.60 32.54 -8.88
N ALA C 73 2.84 32.73 -8.47
CA ALA C 73 3.76 33.53 -9.27
C ALA C 73 4.18 32.84 -10.54
N SER C 74 4.21 31.52 -10.47
CA SER C 74 4.52 30.71 -11.61
C SER C 74 4.04 29.29 -11.44
N SER C 75 3.85 28.69 -12.58
CA SER C 75 3.84 27.19 -12.72
C SER C 75 5.17 26.67 -13.08
N ALA C 76 5.26 25.34 -13.05
CA ALA C 76 6.45 24.65 -13.48
C ALA C 76 6.75 24.97 -14.97
N ALA C 77 5.70 24.85 -15.78
CA ALA C 77 5.81 25.11 -17.21
C ALA C 77 6.18 26.54 -17.48
N ASN C 78 5.75 27.48 -16.64
CA ASN C 78 6.15 28.89 -16.87
C ASN C 78 7.64 29.06 -16.86
N HIS C 79 8.34 28.34 -15.97
CA HIS C 79 9.83 28.37 -15.99
C HIS C 79 10.46 27.76 -17.24
N GLY C 80 9.65 27.05 -18.05
CA GLY C 80 10.05 26.63 -19.41
C GLY C 80 9.89 27.66 -20.52
N ARG C 81 9.29 28.83 -20.22
CA ARG C 81 9.32 29.96 -21.19
C ARG C 81 10.71 30.44 -21.47
N PRO C 82 10.92 31.24 -22.56
CA PRO C 82 12.26 31.71 -22.80
C PRO C 82 12.84 32.50 -21.62
N GLU C 83 14.15 32.39 -21.46
CA GLU C 83 14.86 32.94 -20.29
C GLU C 83 14.53 34.39 -19.93
N ALA C 84 14.42 35.23 -20.96
CA ALA C 84 14.07 36.63 -20.72
C ALA C 84 12.64 36.73 -20.17
N ALA C 85 11.74 35.82 -20.60
CA ALA C 85 10.32 35.87 -20.20
C ALA C 85 10.18 35.44 -18.71
N VAL C 86 11.04 34.53 -18.29
CA VAL C 86 11.07 33.98 -16.96
C VAL C 86 11.58 35.09 -16.04
N ASN C 87 12.70 35.70 -16.43
CA ASN C 87 13.30 36.76 -15.59
C ASN C 87 12.36 37.96 -15.39
N THR C 88 11.54 38.24 -16.39
CA THR C 88 10.58 39.34 -16.30
C THR C 88 9.55 39.02 -15.22
N PHE C 89 8.98 37.80 -15.21
CA PHE C 89 8.00 37.50 -14.15
C PHE C 89 8.66 37.46 -12.80
N MET C 90 9.83 36.82 -12.71
CA MET C 90 10.55 36.71 -11.43
C MET C 90 10.92 38.06 -10.82
N GLU C 91 11.43 38.93 -11.67
CA GLU C 91 11.82 40.29 -11.29
C GLU C 91 10.62 41.06 -10.82
N ALA C 92 9.50 41.01 -11.53
CA ALA C 92 8.33 41.76 -11.14
C ALA C 92 7.75 41.28 -9.82
N PHE C 93 7.65 39.96 -9.63
CA PHE C 93 7.10 39.46 -8.39
C PHE C 93 7.98 39.78 -7.20
N THR C 94 9.27 39.70 -7.42
CA THR C 94 10.24 39.98 -6.35
C THR C 94 10.16 41.45 -6.00
N GLU C 95 10.13 42.29 -7.04
CA GLU C 95 9.97 43.75 -6.87
C GLU C 95 8.84 44.15 -5.91
N VAL C 96 7.66 43.56 -6.08
CA VAL C 96 6.50 43.82 -5.21
C VAL C 96 6.83 43.67 -3.72
N ILE C 97 7.64 42.68 -3.41
CA ILE C 97 7.92 42.27 -2.02
C ILE C 97 9.01 43.18 -1.48
N ARG C 98 10.00 43.48 -2.31
CA ARG C 98 10.98 44.54 -1.95
C ARG C 98 10.28 45.84 -1.46
N ARG C 99 9.28 46.27 -2.21
CA ARG C 99 8.57 47.50 -1.92
C ARG C 99 7.56 47.39 -0.74
N CYS C 100 7.06 46.19 -0.42
CA CYS C 100 5.93 46.04 0.52
C CYS C 100 6.11 45.10 1.73
N HIS C 101 7.27 44.43 1.86
CA HIS C 101 7.55 43.44 2.95
C HIS C 101 7.28 43.89 4.39
N SER C 102 7.26 45.20 4.63
CA SER C 102 6.94 45.74 5.96
C SER C 102 5.46 45.59 6.31
N GLN C 103 4.62 45.38 5.31
CA GLN C 103 3.18 45.38 5.49
C GLN C 103 2.47 44.01 5.65
N PHE C 104 3.24 42.94 5.76
CA PHE C 104 2.66 41.59 5.81
C PHE C 104 3.68 40.60 6.27
N LYS C 105 3.23 39.41 6.67
CA LYS C 105 4.15 38.27 6.80
C LYS C 105 4.28 37.69 5.39
N PHE C 106 5.51 37.51 4.90
CA PHE C 106 5.71 36.93 3.58
C PHE C 106 6.44 35.58 3.65
N ASP C 107 6.03 34.67 2.77
CA ASP C 107 6.69 33.39 2.64
C ASP C 107 6.55 32.93 1.20
N PHE C 108 7.33 31.94 0.77
CA PHE C 108 7.17 31.37 -0.57
C PHE C 108 7.44 29.87 -0.49
N SER C 109 6.89 29.11 -1.43
CA SER C 109 7.13 27.68 -1.56
C SER C 109 7.00 27.23 -3.01
N GLY C 110 7.33 25.95 -3.30
CA GLY C 110 7.15 25.43 -4.63
C GLY C 110 8.28 24.58 -5.11
N SER C 111 8.39 24.43 -6.43
CA SER C 111 9.48 23.72 -7.08
C SER C 111 10.68 24.65 -7.16
N LEU C 112 11.27 24.85 -5.97
CA LEU C 112 12.31 25.87 -5.82
C LEU C 112 13.54 25.50 -6.62
N ASP C 113 13.66 24.22 -6.98
CA ASP C 113 14.75 23.77 -7.86
C ASP C 113 14.71 24.39 -9.24
N LEU C 114 13.54 24.86 -9.67
CA LEU C 114 13.42 25.53 -10.95
C LEU C 114 13.78 27.02 -10.94
N VAL C 115 13.92 27.62 -9.75
CA VAL C 115 14.04 29.08 -9.60
C VAL C 115 15.52 29.44 -9.35
N SER C 116 16.02 30.54 -9.93
CA SER C 116 17.46 30.92 -9.82
C SER C 116 17.89 31.15 -8.37
N GLU C 117 19.14 30.84 -8.00
CA GLU C 117 19.61 31.06 -6.62
C GLU C 117 19.51 32.54 -6.25
N ASP C 118 19.93 33.41 -7.16
CA ASP C 118 19.86 34.88 -6.90
C ASP C 118 18.50 35.31 -6.38
N TYR C 119 17.44 34.81 -7.01
CA TYR C 119 16.08 35.12 -6.55
C TYR C 119 15.73 34.41 -5.24
N LEU C 120 16.12 33.13 -5.12
CA LEU C 120 15.85 32.38 -3.87
C LEU C 120 16.59 33.01 -2.71
N THR C 121 17.85 33.40 -2.95
CA THR C 121 18.61 34.32 -2.07
C THR C 121 17.79 35.57 -1.69
N GLU C 122 17.33 36.34 -2.68
CA GLU C 122 16.67 37.62 -2.36
C GLU C 122 15.32 37.42 -1.69
N LEU C 123 14.60 36.36 -2.07
CA LEU C 123 13.26 36.12 -1.58
C LEU C 123 13.28 35.69 -0.10
N SER C 124 14.30 34.92 0.30
CA SER C 124 14.46 34.49 1.72
C SER C 124 14.79 35.63 2.70
N ALA C 125 15.55 36.63 2.26
CA ALA C 125 15.86 37.83 3.10
C ALA C 125 14.62 38.66 3.30
N LEU C 126 13.82 38.79 2.25
CA LEU C 126 12.60 39.57 2.31
C LEU C 126 11.52 38.92 3.21
N ARG C 127 11.49 37.58 3.23
CA ARG C 127 10.71 36.84 4.24
C ARG C 127 11.22 37.19 5.63
N ASP C 128 12.54 37.10 5.82
CA ASP C 128 13.21 37.51 7.09
C ASP C 128 12.83 38.96 7.54
N LYS C 129 12.71 39.89 6.59
CA LYS C 129 12.39 41.29 6.93
C LYS C 129 10.90 41.57 7.13
N SER C 130 10.03 40.63 6.74
CA SER C 130 8.62 40.92 6.77
C SER C 130 8.02 40.99 8.19
N ASP C 131 6.92 41.74 8.32
CA ASP C 131 6.18 41.88 9.57
C ASP C 131 5.64 40.51 9.97
N SER C 132 6.51 39.77 10.67
CA SER C 132 6.20 38.43 11.18
C SER C 132 5.03 38.40 12.14
N GLU C 133 4.74 39.53 12.78
CA GLU C 133 3.59 39.66 13.66
C GLU C 133 2.38 40.32 12.98
N SER C 134 2.35 40.36 11.63
CA SER C 134 1.22 40.94 10.90
C SER C 134 0.03 39.98 10.91
N ASP C 135 -1.18 40.54 10.98
CA ASP C 135 -2.43 39.79 10.75
C ASP C 135 -2.61 39.28 9.30
N PHE C 136 -1.74 39.70 8.39
CA PHE C 136 -1.90 39.38 6.98
C PHE C 136 -0.69 38.64 6.46
N THR C 137 -0.99 37.58 5.72
CA THR C 137 0.02 36.80 5.07
C THR C 137 -0.13 36.87 3.53
N LEU C 138 1.01 37.07 2.86
CA LEU C 138 1.13 37.08 1.40
C LEU C 138 2.20 36.05 1.08
N HIS C 139 1.82 35.03 0.32
CA HIS C 139 2.63 33.86 0.15
C HIS C 139 2.69 33.48 -1.34
N TYR C 140 3.89 33.38 -1.89
CA TYR C 140 4.08 33.06 -3.32
C TYR C 140 4.27 31.58 -3.47
N ILE C 141 3.57 31.01 -4.45
CA ILE C 141 3.93 29.70 -4.90
C ILE C 141 4.75 29.88 -6.21
N LEU C 142 5.85 29.19 -6.30
CA LEU C 142 6.72 29.22 -7.45
C LEU C 142 6.82 27.87 -8.04
N GLY C 143 6.98 27.78 -9.36
CA GLY C 143 6.97 26.48 -10.02
C GLY C 143 5.81 25.55 -9.70
N MET C 144 4.59 26.06 -9.46
CA MET C 144 3.45 25.19 -9.04
C MET C 144 3.14 24.14 -10.08
N SER C 145 2.77 22.95 -9.59
CA SER C 145 2.58 21.80 -10.41
C SER C 145 2.41 20.57 -9.51
N LEU C 146 1.24 19.94 -9.61
CA LEU C 146 0.92 18.75 -8.83
C LEU C 146 1.96 17.66 -9.04
N SER C 147 2.41 17.41 -10.27
CA SER C 147 3.41 16.34 -10.51
C SER C 147 4.75 16.67 -9.89
N HIS C 148 5.26 17.90 -10.11
CA HIS C 148 6.53 18.33 -9.45
C HIS C 148 6.38 18.25 -7.91
N GLU C 149 5.23 18.62 -7.39
CA GLU C 149 4.98 18.68 -5.92
C GLU C 149 5.07 17.26 -5.35
N VAL C 150 4.43 16.34 -6.04
CA VAL C 150 4.39 14.93 -5.57
C VAL C 150 5.74 14.21 -5.76
N VAL C 151 6.37 14.39 -6.91
CA VAL C 151 7.73 13.87 -7.11
C VAL C 151 8.68 14.35 -5.99
N GLY C 152 8.66 15.65 -5.73
CA GLY C 152 9.50 16.28 -4.71
C GLY C 152 9.23 15.78 -3.28
N ILE C 153 7.97 15.63 -2.92
CA ILE C 153 7.63 15.13 -1.57
C ILE C 153 7.97 13.63 -1.50
N PHE C 154 7.57 12.86 -2.49
CA PHE C 154 8.01 11.46 -2.51
C PHE C 154 9.55 11.31 -2.36
N ASN C 155 10.34 12.11 -3.07
CA ASN C 155 11.77 11.85 -3.05
C ASN C 155 12.40 12.23 -1.71
N LYS C 156 11.79 13.23 -1.06
CA LYS C 156 12.13 13.78 0.28
C LYS C 156 11.90 12.71 1.37
N LEU C 157 10.81 11.95 1.24
CA LEU C 157 10.36 11.02 2.29
C LEU C 157 10.48 9.56 2.01
N ASN C 158 10.93 9.21 0.81
CA ASN C 158 11.15 7.86 0.31
C ASN C 158 12.12 7.06 1.15
N GLY C 159 11.65 5.96 1.72
CA GLY C 159 12.52 5.15 2.54
C GLY C 159 12.89 5.77 3.88
N LYS C 160 12.17 6.80 4.31
CA LYS C 160 12.41 7.47 5.60
C LYS C 160 11.29 7.39 6.61
N ILE C 161 10.07 7.12 6.17
CA ILE C 161 8.92 7.11 7.08
C ILE C 161 8.18 5.80 6.76
N PRO C 162 7.37 5.31 7.70
CA PRO C 162 6.74 4.00 7.44
C PRO C 162 5.61 4.09 6.37
N GLU C 163 4.85 5.19 6.41
CA GLU C 163 3.70 5.46 5.52
C GLU C 163 3.40 6.97 5.36
N MET C 164 2.73 7.32 4.30
CA MET C 164 2.17 8.66 4.13
C MET C 164 0.79 8.68 4.81
N THR C 165 0.40 9.83 5.35
CA THR C 165 -0.90 10.10 5.94
C THR C 165 -1.30 11.42 5.42
N GLU C 166 -2.60 11.71 5.48
CA GLU C 166 -3.11 13.03 5.13
C GLU C 166 -2.35 14.18 5.79
N GLU C 167 -2.00 13.98 7.07
CA GLU C 167 -1.47 15.06 7.88
C GLU C 167 -0.05 15.37 7.46
N ILE C 168 0.72 14.33 7.17
CA ILE C 168 2.10 14.45 6.70
C ILE C 168 2.14 15.12 5.32
N LEU C 169 1.26 14.68 4.43
CA LEU C 169 1.13 15.35 3.11
C LEU C 169 0.79 16.85 3.26
N ALA C 170 -0.14 17.20 4.16
CA ALA C 170 -0.52 18.63 4.39
C ALA C 170 0.62 19.49 4.86
N GLU C 171 1.49 18.94 5.70
CA GLU C 171 2.64 19.71 6.17
C GLU C 171 3.82 19.73 5.16
N ASN C 172 3.69 19.00 4.03
CA ASN C 172 4.71 19.00 2.96
C ASN C 172 4.23 19.64 1.65
N ALA C 173 2.94 20.03 1.60
CA ALA C 173 2.31 20.49 0.39
C ALA C 173 2.77 21.93 0.15
N TYR C 174 2.97 22.28 -1.10
CA TYR C 174 3.36 23.64 -1.44
C TYR C 174 2.47 24.68 -0.79
N VAL C 175 1.17 24.50 -0.82
CA VAL C 175 0.22 25.43 -0.21
C VAL C 175 -0.06 24.85 1.19
N PRO C 176 0.43 25.54 2.21
CA PRO C 176 0.44 24.94 3.56
C PRO C 176 -0.85 25.07 4.33
N THR C 177 -1.79 25.84 3.84
CA THR C 177 -3.08 25.94 4.47
C THR C 177 -4.15 25.70 3.43
N GLN C 178 -5.37 25.53 3.94
CA GLN C 178 -6.56 25.28 3.15
C GLN C 178 -7.03 26.52 2.37
N VAL C 179 -7.22 26.39 1.05
CA VAL C 179 -7.75 27.50 0.27
C VAL C 179 -9.28 27.45 0.16
N ASP C 180 -9.95 28.50 0.62
CA ASP C 180 -11.39 28.66 0.45
C ASP C 180 -11.80 29.15 -0.96
N TYR C 181 -11.06 30.12 -1.49
CA TYR C 181 -11.42 30.86 -2.69
C TYR C 181 -10.25 31.00 -3.67
N ILE C 182 -10.54 30.86 -4.96
CA ILE C 182 -9.55 31.08 -6.03
C ILE C 182 -10.10 32.05 -7.04
N ILE C 183 -9.28 33.05 -7.39
CA ILE C 183 -9.59 34.01 -8.44
C ILE C 183 -8.54 33.83 -9.52
N ARG C 184 -9.01 33.52 -10.71
CA ARG C 184 -8.11 33.34 -11.88
C ARG C 184 -8.49 34.31 -13.00
N THR C 185 -7.63 35.30 -13.28
CA THR C 185 -7.89 36.20 -14.40
C THR C 185 -7.46 35.58 -15.75
N GLY C 186 -7.60 36.33 -16.84
CA GLY C 186 -7.01 35.96 -18.13
C GLY C 186 -7.89 35.26 -19.14
N GLY C 187 -9.21 35.25 -18.94
CA GLY C 187 -10.14 34.58 -19.88
C GLY C 187 -9.67 33.19 -20.25
N ALA C 188 -9.47 32.37 -19.23
CA ALA C 188 -9.11 30.98 -19.46
C ALA C 188 -9.69 30.21 -18.33
N ILE C 189 -10.70 29.39 -18.62
CA ILE C 189 -11.37 28.62 -17.59
C ILE C 189 -10.68 27.25 -17.52
N ARG C 190 -9.58 27.22 -16.76
CA ARG C 190 -8.76 26.03 -16.59
C ARG C 190 -7.87 26.27 -15.38
N MET C 191 -7.38 25.25 -14.73
CA MET C 191 -6.47 25.53 -13.58
C MET C 191 -5.03 25.81 -13.95
N SER C 192 -4.61 25.38 -15.10
CA SER C 192 -3.25 25.72 -15.60
C SER C 192 -2.12 25.33 -14.59
N SER C 193 -2.29 24.17 -13.95
CA SER C 193 -1.30 23.61 -13.02
C SER C 193 -1.35 24.21 -11.61
N PHE C 194 -2.32 25.10 -11.32
CA PHE C 194 -2.43 25.83 -10.08
C PHE C 194 -3.39 25.22 -9.06
N PHE C 195 -3.80 23.96 -9.25
CA PHE C 195 -4.77 23.39 -8.34
C PHE C 195 -4.14 23.05 -6.99
N PRO C 196 -4.79 23.49 -5.88
CA PRO C 196 -4.13 23.33 -4.58
C PRO C 196 -4.42 21.96 -3.97
N LEU C 197 -3.36 21.18 -3.79
CA LEU C 197 -3.41 19.77 -3.45
C LEU C 197 -4.42 19.41 -2.35
N MET C 198 -4.35 20.14 -1.23
CA MET C 198 -5.14 19.83 -0.06
C MET C 198 -6.44 20.61 0.08
N SER C 199 -6.85 21.35 -0.96
CA SER C 199 -8.12 22.06 -0.96
C SER C 199 -9.05 21.59 -2.08
N PRO C 200 -9.52 20.32 -1.97
CA PRO C 200 -10.40 19.86 -3.03
C PRO C 200 -11.73 20.70 -3.35
N TYR C 201 -12.28 21.37 -2.35
CA TYR C 201 -13.57 22.08 -2.44
C TYR C 201 -13.38 23.64 -2.50
N ALA C 202 -12.18 24.06 -2.88
CA ALA C 202 -11.95 25.47 -3.22
C ALA C 202 -12.93 25.94 -4.31
N GLU C 203 -13.58 27.08 -4.03
CA GLU C 203 -14.51 27.67 -4.96
C GLU C 203 -13.70 28.40 -6.00
N LEU C 204 -14.11 28.28 -7.25
CA LEU C 204 -13.41 28.93 -8.36
C LEU C 204 -14.23 30.06 -9.03
N HIS C 205 -13.62 31.23 -9.10
CA HIS C 205 -14.15 32.38 -9.87
C HIS C 205 -13.18 32.70 -11.01
N PHE C 206 -13.65 32.55 -12.23
CA PHE C 206 -12.92 32.93 -13.40
C PHE C 206 -13.35 34.33 -13.96
N SER C 207 -12.38 35.19 -14.24
CA SER C 207 -12.64 36.50 -14.88
C SER C 207 -11.96 36.54 -16.27
N PRO C 208 -12.69 37.01 -17.28
CA PRO C 208 -12.08 37.27 -18.60
C PRO C 208 -11.08 38.44 -18.65
N VAL C 209 -11.08 39.27 -17.61
CA VAL C 209 -10.17 40.47 -17.61
C VAL C 209 -8.67 40.11 -17.57
N LEU C 210 -7.84 40.81 -18.35
CA LEU C 210 -6.40 40.64 -18.26
C LEU C 210 -6.01 41.22 -16.95
N PHE C 211 -5.14 40.53 -16.20
CA PHE C 211 -4.92 40.90 -14.79
C PHE C 211 -4.67 42.41 -14.56
N PRO C 212 -3.71 43.00 -15.31
CA PRO C 212 -3.44 44.40 -15.04
C PRO C 212 -4.60 45.36 -15.31
N ASP C 213 -5.65 44.91 -16.00
CA ASP C 213 -6.86 45.72 -16.14
C ASP C 213 -7.83 45.58 -14.97
N THR C 214 -7.53 44.68 -14.02
CA THR C 214 -8.51 44.34 -12.99
C THR C 214 -8.96 45.59 -12.25
N THR C 215 -10.26 45.74 -12.01
CA THR C 215 -10.79 46.85 -11.16
C THR C 215 -11.39 46.36 -9.84
N ARG C 216 -11.88 47.29 -9.03
CA ARG C 216 -12.60 46.95 -7.80
C ARG C 216 -13.88 46.30 -8.14
N ALA C 217 -14.56 46.81 -9.16
CA ALA C 217 -15.80 46.24 -9.61
C ALA C 217 -15.61 44.72 -9.79
N ASP C 218 -14.59 44.34 -10.55
CA ASP C 218 -14.25 42.92 -10.82
C ASP C 218 -14.04 42.16 -9.52
N PHE C 219 -13.19 42.68 -8.65
CA PHE C 219 -12.97 42.07 -7.33
C PHE C 219 -14.27 41.93 -6.52
N ASP C 220 -15.06 43.01 -6.42
CA ASP C 220 -16.33 42.90 -5.70
C ASP C 220 -17.28 41.87 -6.34
N ALA C 221 -17.36 41.78 -7.68
CA ALA C 221 -18.22 40.76 -8.31
C ALA C 221 -17.68 39.35 -7.95
N ALA C 222 -16.35 39.20 -7.93
CA ALA C 222 -15.71 37.93 -7.57
C ALA C 222 -16.04 37.56 -6.13
N LEU C 223 -15.74 38.47 -5.22
CA LEU C 223 -16.04 38.25 -3.80
C LEU C 223 -17.51 37.93 -3.55
N LYS C 224 -18.43 38.64 -4.22
CA LYS C 224 -19.88 38.38 -4.04
C LYS C 224 -20.37 37.00 -4.59
N ASP C 225 -20.03 36.71 -5.84
CA ASP C 225 -20.20 35.37 -6.42
C ASP C 225 -19.66 34.25 -5.47
N LEU C 226 -18.43 34.41 -5.00
CA LEU C 226 -17.76 33.40 -4.16
C LEU C 226 -18.42 33.25 -2.78
N ARG C 227 -18.91 34.36 -2.22
CA ARG C 227 -19.62 34.34 -0.92
C ARG C 227 -21.04 33.73 -1.00
N ALA C 228 -21.64 33.72 -2.18
CA ALA C 228 -22.96 33.14 -2.42
C ALA C 228 -22.94 31.65 -2.77
N ARG C 229 -21.75 31.04 -2.86
CA ARG C 229 -21.67 29.62 -3.17
C ARG C 229 -22.24 28.80 -1.98
N ASP C 230 -23.05 27.79 -2.29
CA ASP C 230 -23.52 26.84 -1.27
C ASP C 230 -22.52 25.72 -1.27
N ARG C 231 -21.71 25.61 -0.22
CA ARG C 231 -20.62 24.63 -0.23
C ARG C 231 -21.08 23.35 0.47
N ARG C 232 -20.81 22.21 -0.17
CA ARG C 232 -21.27 20.90 0.33
C ARG C 232 -20.16 19.94 0.73
N PHE C 233 -18.98 20.12 0.15
CA PHE C 233 -17.81 19.33 0.51
C PHE C 233 -18.08 17.83 0.27
N GLY C 234 -18.78 17.53 -0.83
CA GLY C 234 -19.16 16.17 -1.20
C GLY C 234 -20.22 15.52 -0.36
N GLY C 235 -20.77 16.23 0.62
CA GLY C 235 -21.68 15.64 1.57
C GLY C 235 -23.08 16.17 1.30
N TYR C 236 -24.05 15.59 2.00
CA TYR C 236 -25.47 15.98 1.86
C TYR C 236 -25.89 16.64 3.20
N PRO C 237 -26.90 17.54 3.16
CA PRO C 237 -27.37 18.12 4.45
C PRO C 237 -28.09 17.09 5.33
N ALA C 238 -28.02 17.28 6.66
CA ALA C 238 -28.90 16.63 7.63
C ALA C 238 -30.39 16.81 7.26
N THR D 23 -9.90 14.66 -27.84
CA THR D 23 -10.08 13.19 -27.95
C THR D 23 -10.25 12.47 -26.58
N THR D 24 -9.84 13.09 -25.45
CA THR D 24 -10.11 12.51 -24.10
C THR D 24 -10.95 13.42 -23.22
N LEU D 25 -12.04 12.88 -22.65
CA LEU D 25 -13.03 13.67 -21.94
C LEU D 25 -13.32 13.07 -20.57
N MET D 26 -13.54 13.93 -19.58
CA MET D 26 -13.93 13.52 -18.26
C MET D 26 -15.26 14.14 -17.83
N LEU D 27 -16.24 13.29 -17.52
CA LEU D 27 -17.52 13.78 -17.09
C LEU D 27 -17.61 13.78 -15.60
N LEU D 28 -17.91 14.92 -15.01
CA LEU D 28 -18.31 14.95 -13.62
C LEU D 28 -19.83 15.14 -13.62
N PRO D 29 -20.61 14.11 -13.25
CA PRO D 29 -22.07 14.18 -13.26
C PRO D 29 -22.66 14.48 -11.89
N ASP D 30 -23.27 15.67 -11.72
CA ASP D 30 -23.70 16.12 -10.42
C ASP D 30 -25.07 16.83 -10.57
N GLY D 31 -25.90 16.66 -9.56
CA GLY D 31 -27.27 17.20 -9.54
C GLY D 31 -28.38 16.14 -9.44
N MET D 32 -28.20 15.18 -8.55
CA MET D 32 -29.17 14.12 -8.38
C MET D 32 -30.12 14.33 -7.21
N ARG D 33 -29.59 14.63 -6.04
CA ARG D 33 -30.41 14.86 -4.85
C ARG D 33 -31.31 16.07 -5.04
N ARG D 34 -30.75 17.11 -5.65
CA ARG D 34 -31.52 18.33 -5.98
C ARG D 34 -32.56 18.10 -7.08
N TRP D 35 -32.18 17.41 -8.16
CA TRP D 35 -33.11 17.12 -9.28
C TRP D 35 -34.27 16.26 -8.81
N SER D 36 -33.95 15.24 -8.01
CA SER D 36 -34.96 14.42 -7.33
C SER D 36 -36.12 15.23 -6.74
N GLU D 37 -35.87 16.49 -6.37
CA GLU D 37 -36.85 17.35 -5.72
C GLU D 37 -37.54 18.34 -6.66
N LYS D 38 -36.84 18.77 -7.72
CA LYS D 38 -37.47 19.49 -8.84
C LYS D 38 -38.56 18.62 -9.48
N ASN D 39 -38.29 17.31 -9.56
CA ASN D 39 -39.28 16.29 -9.91
C ASN D 39 -39.87 15.72 -8.61
N GLY D 40 -40.79 14.76 -8.71
CA GLY D 40 -41.48 14.23 -7.53
C GLY D 40 -40.81 13.02 -6.91
N VAL D 41 -39.73 12.58 -7.55
CA VAL D 41 -39.35 11.18 -7.61
C VAL D 41 -38.03 10.96 -6.83
N SER D 42 -37.96 9.85 -6.07
CA SER D 42 -36.93 9.59 -5.03
C SER D 42 -35.42 9.61 -5.46
N LEU D 43 -34.49 9.43 -4.50
CA LEU D 43 -33.03 9.50 -4.83
C LEU D 43 -32.63 8.44 -5.90
N ASP D 44 -33.05 7.18 -5.72
CA ASP D 44 -32.83 6.09 -6.73
C ASP D 44 -33.40 6.41 -8.11
N ASP D 45 -34.61 6.97 -8.09
CA ASP D 45 -35.25 7.52 -9.29
C ASP D 45 -34.33 8.51 -9.98
N GLY D 46 -33.77 9.46 -9.22
CA GLY D 46 -32.87 10.45 -9.81
C GLY D 46 -31.63 9.81 -10.42
N TYR D 47 -30.98 8.97 -9.63
CA TYR D 47 -29.78 8.22 -10.11
C TYR D 47 -30.06 7.20 -11.22
N ALA D 48 -31.31 6.77 -11.42
CA ALA D 48 -31.66 5.97 -12.60
C ALA D 48 -31.71 6.82 -13.85
N ALA D 49 -32.22 8.04 -13.74
CA ALA D 49 -32.18 8.98 -14.87
C ALA D 49 -30.73 9.33 -15.27
N MET D 50 -29.86 9.50 -14.28
CA MET D 50 -28.41 9.66 -14.56
C MET D 50 -27.91 8.55 -15.44
N GLY D 51 -28.18 7.32 -15.00
CA GLY D 51 -27.85 6.11 -15.73
C GLY D 51 -28.20 6.16 -17.21
N ASP D 52 -29.50 6.23 -17.51
CA ASP D 52 -29.96 6.42 -18.88
C ASP D 52 -29.34 7.65 -19.54
N LYS D 53 -29.19 8.74 -18.77
CA LYS D 53 -28.55 9.95 -19.32
C LYS D 53 -27.05 9.75 -19.64
N ILE D 54 -26.32 9.00 -18.80
CA ILE D 54 -24.92 8.66 -19.10
C ILE D 54 -24.88 7.80 -20.35
N ILE D 55 -25.83 6.87 -20.46
CA ILE D 55 -25.87 5.98 -21.63
C ILE D 55 -26.10 6.82 -22.90
N GLU D 56 -26.92 7.86 -22.78
CA GLU D 56 -27.11 8.84 -23.87
C GLU D 56 -25.88 9.68 -24.11
N PHE D 57 -25.40 10.31 -23.02
CA PHE D 57 -24.17 11.12 -23.05
C PHE D 57 -23.08 10.32 -23.73
N MET D 58 -22.90 9.09 -23.25
CA MET D 58 -21.90 8.23 -23.83
C MET D 58 -22.03 8.24 -25.35
N GLY D 59 -23.27 8.03 -25.81
CA GLY D 59 -23.60 8.06 -27.23
C GLY D 59 -23.17 9.31 -27.97
N TRP D 60 -23.48 10.47 -27.39
CA TRP D 60 -23.10 11.76 -28.00
C TRP D 60 -21.58 11.97 -28.13
N ALA D 61 -20.83 11.44 -27.15
CA ALA D 61 -19.38 11.62 -27.10
C ALA D 61 -18.74 10.80 -28.19
N LYS D 62 -19.21 9.57 -28.30
CA LYS D 62 -18.85 8.68 -29.41
C LYS D 62 -18.96 9.32 -30.79
N GLU D 63 -20.01 10.11 -30.98
CA GLU D 63 -20.26 10.78 -32.25
C GLU D 63 -19.28 11.93 -32.52
N GLU D 64 -18.87 12.63 -31.45
CA GLU D 64 -17.94 13.78 -31.57
C GLU D 64 -16.45 13.42 -31.74
N GLY D 65 -16.09 12.12 -31.76
CA GLY D 65 -14.68 11.72 -31.93
C GLY D 65 -13.89 11.46 -30.64
N VAL D 66 -14.57 11.48 -29.49
CA VAL D 66 -14.02 10.98 -28.21
C VAL D 66 -13.60 9.50 -28.30
N LYS D 67 -12.32 9.22 -28.02
CA LYS D 67 -11.80 7.85 -27.83
C LYS D 67 -11.94 7.34 -26.34
N THR D 68 -11.67 8.20 -25.33
CA THR D 68 -11.72 7.82 -23.87
C THR D 68 -12.64 8.75 -23.10
N LEU D 69 -13.55 8.17 -22.34
CA LEU D 69 -14.43 8.94 -21.52
C LEU D 69 -14.20 8.51 -20.10
N TYR D 70 -13.55 9.38 -19.32
CA TYR D 70 -13.46 9.13 -17.90
C TYR D 70 -14.75 9.71 -17.29
N ILE D 71 -15.28 9.07 -16.30
CA ILE D 71 -16.45 9.58 -15.55
C ILE D 71 -16.15 9.41 -14.07
N THR D 72 -16.33 10.47 -13.30
CA THR D 72 -16.05 10.42 -11.85
C THR D 72 -17.29 9.95 -11.14
N ALA D 73 -17.36 8.63 -10.90
CA ALA D 73 -18.50 8.07 -10.20
C ALA D 73 -18.62 8.55 -8.80
N SER D 74 -17.50 8.78 -8.15
CA SER D 74 -17.50 9.35 -6.81
C SER D 74 -16.20 10.04 -6.39
N SER D 75 -16.33 10.95 -5.44
CA SER D 75 -15.17 11.36 -4.61
C SER D 75 -15.06 10.57 -3.32
N ALA D 76 -13.89 10.68 -2.68
CA ALA D 76 -13.68 10.15 -1.36
C ALA D 76 -14.84 10.61 -0.50
N ALA D 77 -15.13 11.90 -0.49
CA ALA D 77 -16.15 12.42 0.43
C ALA D 77 -17.55 11.92 0.12
N ASN D 78 -17.83 11.59 -1.14
CA ASN D 78 -19.14 11.08 -1.50
C ASN D 78 -19.39 9.80 -0.73
N HIS D 79 -18.35 8.96 -0.56
CA HIS D 79 -18.53 7.70 0.25
C HIS D 79 -18.89 7.90 1.74
N GLY D 80 -18.88 9.16 2.19
CA GLY D 80 -19.21 9.56 3.56
C GLY D 80 -20.64 10.04 3.76
N ARG D 81 -21.40 10.08 2.69
CA ARG D 81 -22.83 10.32 2.74
C ARG D 81 -23.48 9.13 3.44
N PRO D 82 -24.81 9.17 3.65
CA PRO D 82 -25.47 7.97 4.19
C PRO D 82 -25.37 6.75 3.27
N GLU D 83 -25.39 5.55 3.85
CA GLU D 83 -25.30 4.28 3.09
C GLU D 83 -26.29 4.19 1.91
N ALA D 84 -27.54 4.58 2.15
CA ALA D 84 -28.57 4.59 1.09
C ALA D 84 -28.18 5.37 -0.17
N ALA D 85 -27.73 6.62 0.01
CA ALA D 85 -27.31 7.46 -1.12
C ALA D 85 -26.10 6.85 -1.82
N VAL D 86 -25.15 6.39 -1.04
CA VAL D 86 -23.91 5.74 -1.59
C VAL D 86 -24.26 4.51 -2.42
N ASN D 87 -25.10 3.63 -1.84
CA ASN D 87 -25.70 2.48 -2.55
C ASN D 87 -26.45 2.88 -3.79
N THR D 88 -27.27 3.93 -3.66
CA THR D 88 -27.93 4.50 -4.80
C THR D 88 -26.96 4.87 -5.94
N PHE D 89 -25.93 5.67 -5.67
CA PHE D 89 -25.00 6.01 -6.80
C PHE D 89 -24.25 4.78 -7.24
N MET D 90 -23.78 3.99 -6.28
CA MET D 90 -22.95 2.85 -6.64
C MET D 90 -23.78 1.89 -7.50
N GLU D 91 -25.03 1.69 -7.10
CA GLU D 91 -25.90 0.75 -7.82
C GLU D 91 -26.10 1.26 -9.23
N ALA D 92 -26.40 2.57 -9.35
CA ALA D 92 -26.75 3.15 -10.66
C ALA D 92 -25.59 3.27 -11.60
N PHE D 93 -24.41 3.67 -11.08
CA PHE D 93 -23.21 3.64 -11.89
C PHE D 93 -22.90 2.25 -12.36
N THR D 94 -23.14 1.26 -11.51
CA THR D 94 -22.85 -0.11 -11.91
C THR D 94 -23.88 -0.66 -12.95
N GLU D 95 -25.16 -0.35 -12.78
CA GLU D 95 -26.22 -0.73 -13.78
C GLU D 95 -25.85 -0.34 -15.20
N VAL D 96 -25.26 0.85 -15.36
CA VAL D 96 -24.88 1.31 -16.68
C VAL D 96 -23.95 0.34 -17.36
N ILE D 97 -23.05 -0.20 -16.56
CA ILE D 97 -21.97 -1.00 -17.08
C ILE D 97 -22.54 -2.40 -17.41
N ARG D 98 -23.52 -2.85 -16.63
CA ARG D 98 -24.25 -4.10 -16.97
C ARG D 98 -24.90 -4.02 -18.36
N ARG D 99 -25.65 -2.96 -18.62
CA ARG D 99 -26.36 -2.89 -19.89
C ARG D 99 -25.38 -2.79 -21.05
N CYS D 100 -24.42 -1.87 -20.97
CA CYS D 100 -23.74 -1.45 -22.18
C CYS D 100 -22.30 -1.96 -22.31
N HIS D 101 -21.88 -2.90 -21.46
CA HIS D 101 -20.46 -3.33 -21.38
C HIS D 101 -19.85 -3.90 -22.65
N SER D 102 -20.63 -4.55 -23.52
CA SER D 102 -20.09 -5.03 -24.81
C SER D 102 -19.74 -3.91 -25.83
N GLN D 103 -20.26 -2.71 -25.59
CA GLN D 103 -20.14 -1.56 -26.51
C GLN D 103 -19.01 -0.54 -26.16
N PHE D 104 -18.03 -0.99 -25.37
CA PHE D 104 -16.85 -0.21 -24.98
C PHE D 104 -15.91 -1.04 -24.11
N LYS D 105 -14.61 -0.73 -24.16
CA LYS D 105 -13.60 -1.27 -23.21
C LYS D 105 -13.78 -0.61 -21.84
N PHE D 106 -13.89 -1.37 -20.75
CA PHE D 106 -14.27 -0.79 -19.44
C PHE D 106 -13.19 -1.02 -18.42
N ASP D 107 -13.05 -0.05 -17.52
CA ASP D 107 -12.08 -0.19 -16.43
C ASP D 107 -12.39 0.83 -15.34
N PHE D 108 -11.89 0.56 -14.13
CA PHE D 108 -12.05 1.46 -13.03
C PHE D 108 -10.75 1.59 -12.23
N SER D 109 -10.59 2.73 -11.59
CA SER D 109 -9.48 2.95 -10.64
C SER D 109 -9.95 3.89 -9.54
N GLY D 110 -9.08 4.11 -8.55
CA GLY D 110 -9.37 5.02 -7.45
C GLY D 110 -9.12 4.51 -6.06
N SER D 111 -9.78 5.17 -5.12
CA SER D 111 -9.67 4.76 -3.71
C SER D 111 -10.57 3.55 -3.39
N LEU D 112 -10.09 2.40 -3.84
CA LEU D 112 -10.92 1.21 -3.83
C LEU D 112 -11.24 0.81 -2.42
N ASP D 113 -10.43 1.24 -1.46
CA ASP D 113 -10.65 0.86 -0.10
C ASP D 113 -11.93 1.40 0.53
N LEU D 114 -12.56 2.36 -0.13
CA LEU D 114 -13.78 2.98 0.36
C LEU D 114 -14.99 2.29 -0.25
N VAL D 115 -14.79 1.39 -1.20
CA VAL D 115 -15.86 0.85 -2.02
C VAL D 115 -16.19 -0.52 -1.52
N SER D 116 -17.46 -0.96 -1.59
CA SER D 116 -17.80 -2.28 -1.01
C SER D 116 -17.31 -3.42 -1.88
N GLU D 117 -17.19 -4.56 -1.25
CA GLU D 117 -16.75 -5.82 -1.86
C GLU D 117 -17.64 -6.17 -3.09
N ASP D 118 -18.96 -6.12 -2.90
CA ASP D 118 -19.89 -6.54 -3.98
C ASP D 118 -19.71 -5.70 -5.21
N TYR D 119 -19.56 -4.38 -5.04
CA TYR D 119 -19.32 -3.51 -6.19
C TYR D 119 -17.95 -3.70 -6.81
N LEU D 120 -16.90 -3.85 -5.99
CA LEU D 120 -15.56 -4.12 -6.57
C LEU D 120 -15.51 -5.48 -7.28
N THR D 121 -16.15 -6.49 -6.69
CA THR D 121 -16.21 -7.83 -7.36
C THR D 121 -17.03 -7.77 -8.69
N GLU D 122 -18.17 -7.08 -8.65
CA GLU D 122 -19.00 -6.96 -9.86
C GLU D 122 -18.35 -6.14 -10.96
N LEU D 123 -17.82 -4.98 -10.57
CA LEU D 123 -17.13 -4.09 -11.50
C LEU D 123 -15.94 -4.79 -12.13
N SER D 124 -15.25 -5.63 -11.36
CA SER D 124 -14.05 -6.34 -11.86
C SER D 124 -14.48 -7.38 -12.89
N ALA D 125 -15.52 -8.12 -12.56
CA ALA D 125 -16.14 -9.10 -13.48
C ALA D 125 -16.63 -8.42 -14.77
N LEU D 126 -17.30 -7.28 -14.63
CA LEU D 126 -17.71 -6.52 -15.84
C LEU D 126 -16.57 -5.92 -16.67
N ARG D 127 -15.53 -5.43 -15.99
CA ARG D 127 -14.32 -5.07 -16.72
C ARG D 127 -13.87 -6.26 -17.58
N ASP D 128 -13.77 -7.42 -16.97
CA ASP D 128 -13.25 -8.61 -17.63
C ASP D 128 -14.15 -9.11 -18.80
N LYS D 129 -15.47 -8.78 -18.78
CA LYS D 129 -16.35 -9.08 -19.93
C LYS D 129 -16.60 -7.96 -20.95
N SER D 130 -15.99 -6.78 -20.76
CA SER D 130 -16.11 -5.68 -21.72
C SER D 130 -15.30 -5.95 -23.00
N ASP D 131 -15.59 -5.20 -24.05
CA ASP D 131 -14.94 -5.44 -25.36
C ASP D 131 -13.54 -4.82 -25.34
N SER D 132 -12.53 -5.66 -25.17
CA SER D 132 -11.14 -5.22 -25.01
C SER D 132 -10.50 -4.66 -26.28
N GLU D 133 -11.01 -5.02 -27.45
CA GLU D 133 -10.48 -4.52 -28.71
C GLU D 133 -11.37 -3.38 -29.23
N SER D 134 -12.05 -2.67 -28.32
CA SER D 134 -13.03 -1.64 -28.72
C SER D 134 -12.31 -0.34 -29.10
N ASP D 135 -13.03 0.54 -29.79
CA ASP D 135 -12.49 1.86 -30.16
C ASP D 135 -12.59 2.81 -28.97
N PHE D 136 -13.51 2.52 -28.07
CA PHE D 136 -13.93 3.44 -27.05
C PHE D 136 -13.58 2.84 -25.70
N THR D 137 -13.11 3.69 -24.78
CA THR D 137 -12.85 3.34 -23.37
C THR D 137 -13.75 4.20 -22.44
N LEU D 138 -14.42 3.54 -21.51
CA LEU D 138 -15.22 4.20 -20.50
C LEU D 138 -14.58 3.78 -19.19
N HIS D 139 -14.28 4.74 -18.32
CA HIS D 139 -13.41 4.46 -17.15
C HIS D 139 -13.95 5.19 -15.94
N TYR D 140 -14.39 4.44 -14.93
CA TYR D 140 -14.85 5.06 -13.72
C TYR D 140 -13.69 5.37 -12.75
N ILE D 141 -13.62 6.61 -12.26
CA ILE D 141 -12.87 6.84 -11.03
C ILE D 141 -13.81 6.78 -9.86
N LEU D 142 -13.44 6.00 -8.85
CA LEU D 142 -14.20 5.81 -7.61
C LEU D 142 -13.39 6.35 -6.45
N GLY D 143 -14.02 7.06 -5.53
CA GLY D 143 -13.29 7.61 -4.38
C GLY D 143 -12.21 8.63 -4.74
N MET D 144 -12.47 9.43 -5.76
CA MET D 144 -11.44 10.35 -6.28
C MET D 144 -11.03 11.37 -5.24
N SER D 145 -9.73 11.67 -5.18
CA SER D 145 -9.19 12.64 -4.22
C SER D 145 -7.69 12.64 -4.29
N LEU D 146 -7.12 13.77 -4.65
CA LEU D 146 -5.66 13.87 -4.79
C LEU D 146 -4.90 13.38 -3.57
N SER D 147 -5.39 13.69 -2.39
CA SER D 147 -4.69 13.31 -1.17
C SER D 147 -4.75 11.80 -0.95
N HIS D 148 -5.92 11.18 -1.11
CA HIS D 148 -6.05 9.69 -1.08
C HIS D 148 -5.13 9.01 -2.15
N GLU D 149 -5.11 9.59 -3.35
CA GLU D 149 -4.33 9.12 -4.46
C GLU D 149 -2.83 9.16 -4.08
N VAL D 150 -2.39 10.31 -3.60
CA VAL D 150 -0.94 10.49 -3.32
C VAL D 150 -0.48 9.58 -2.19
N VAL D 151 -1.26 9.54 -1.13
CA VAL D 151 -0.99 8.66 -0.03
C VAL D 151 -0.76 7.23 -0.51
N GLY D 152 -1.70 6.70 -1.33
CA GLY D 152 -1.59 5.34 -1.85
C GLY D 152 -0.39 5.10 -2.73
N ILE D 153 -0.03 6.11 -3.52
CA ILE D 153 1.05 5.97 -4.45
C ILE D 153 2.34 5.95 -3.63
N PHE D 154 2.44 6.83 -2.65
CA PHE D 154 3.67 6.89 -1.82
C PHE D 154 3.85 5.56 -1.11
N ASN D 155 2.78 5.11 -0.44
CA ASN D 155 2.83 3.81 0.26
C ASN D 155 3.17 2.65 -0.63
N LYS D 156 2.66 2.63 -1.87
CA LYS D 156 3.03 1.53 -2.77
C LYS D 156 4.53 1.57 -3.01
N LEU D 157 5.11 2.74 -3.21
CA LEU D 157 6.48 2.77 -3.76
C LEU D 157 7.61 3.12 -2.76
N ASN D 158 7.20 3.50 -1.54
CA ASN D 158 8.06 3.90 -0.45
C ASN D 158 9.13 2.83 -0.24
N GLY D 159 10.38 3.28 -0.26
CA GLY D 159 11.52 2.42 -0.14
C GLY D 159 11.74 1.41 -1.23
N LYS D 160 11.15 1.56 -2.43
CA LYS D 160 11.35 0.52 -3.47
C LYS D 160 11.81 0.97 -4.81
N ILE D 161 12.01 2.26 -4.94
CA ILE D 161 12.65 2.82 -6.13
C ILE D 161 13.63 3.87 -5.61
N PRO D 162 14.71 4.10 -6.34
CA PRO D 162 15.59 5.21 -5.94
C PRO D 162 14.95 6.63 -6.03
N GLU D 163 14.04 6.86 -6.98
CA GLU D 163 13.53 8.22 -7.30
C GLU D 163 12.15 8.14 -7.96
N MET D 164 11.18 8.98 -7.56
CA MET D 164 10.03 9.13 -8.40
C MET D 164 10.35 10.05 -9.58
N THR D 165 9.75 9.73 -10.69
CA THR D 165 9.81 10.55 -11.88
C THR D 165 8.40 10.80 -12.34
N GLU D 166 8.25 11.70 -13.31
CA GLU D 166 6.94 12.06 -13.85
C GLU D 166 6.30 10.84 -14.46
N GLU D 167 7.14 10.08 -15.14
CA GLU D 167 6.82 8.89 -15.90
C GLU D 167 6.29 7.84 -14.91
N ILE D 168 6.98 7.72 -13.78
CA ILE D 168 6.52 6.74 -12.72
C ILE D 168 5.22 7.18 -12.15
N LEU D 169 5.16 8.44 -11.76
CA LEU D 169 3.90 8.97 -11.27
C LEU D 169 2.74 8.78 -12.21
N ALA D 170 2.94 9.02 -13.51
CA ALA D 170 1.81 8.86 -14.49
C ALA D 170 1.26 7.45 -14.57
N GLU D 171 2.13 6.47 -14.43
CA GLU D 171 1.71 5.04 -14.50
C GLU D 171 1.11 4.49 -13.18
N ASN D 172 1.08 5.35 -12.15
CA ASN D 172 0.48 5.13 -10.86
C ASN D 172 -0.75 6.00 -10.50
N ALA D 173 -1.01 7.08 -11.29
CA ALA D 173 -2.15 7.93 -11.01
C ALA D 173 -3.49 7.28 -11.29
N TYR D 174 -4.50 7.75 -10.59
CA TYR D 174 -5.84 7.20 -10.75
C TYR D 174 -6.30 7.31 -12.22
N VAL D 175 -6.10 8.48 -12.80
CA VAL D 175 -6.41 8.72 -14.19
C VAL D 175 -5.17 8.38 -15.03
N PRO D 176 -5.20 7.26 -15.79
CA PRO D 176 -3.92 6.74 -16.41
C PRO D 176 -3.42 7.40 -17.71
N THR D 177 -4.18 8.34 -18.24
CA THR D 177 -3.85 9.07 -19.44
C THR D 177 -4.21 10.50 -19.23
N GLN D 178 -3.76 11.33 -20.17
CA GLN D 178 -3.95 12.77 -20.14
C GLN D 178 -5.39 13.15 -20.55
N VAL D 179 -5.97 14.11 -19.82
CA VAL D 179 -7.35 14.56 -20.03
C VAL D 179 -7.36 15.95 -20.70
N ASP D 180 -8.03 16.08 -21.85
CA ASP D 180 -8.09 17.38 -22.55
C ASP D 180 -9.22 18.26 -22.02
N TYR D 181 -10.41 17.68 -21.90
CA TYR D 181 -11.64 18.40 -21.55
C TYR D 181 -12.30 17.82 -20.32
N ILE D 182 -12.86 18.72 -19.53
CA ILE D 182 -13.70 18.35 -18.41
C ILE D 182 -15.03 19.10 -18.49
N ILE D 183 -16.13 18.35 -18.40
CA ILE D 183 -17.45 18.92 -18.18
C ILE D 183 -17.94 18.63 -16.79
N ARG D 184 -18.29 19.67 -16.04
CA ARG D 184 -18.90 19.48 -14.76
C ARG D 184 -20.27 20.17 -14.74
N THR D 185 -21.29 19.45 -14.26
CA THR D 185 -22.68 19.95 -14.21
C THR D 185 -23.03 20.31 -12.80
N GLY D 186 -24.23 20.86 -12.57
CA GLY D 186 -24.78 20.99 -11.22
C GLY D 186 -24.58 22.35 -10.57
N GLY D 187 -24.32 23.39 -11.35
CA GLY D 187 -24.18 24.75 -10.82
C GLY D 187 -23.18 24.88 -9.69
N ALA D 188 -21.96 24.48 -9.98
CA ALA D 188 -20.91 24.51 -9.01
C ALA D 188 -19.61 24.72 -9.79
N ILE D 189 -19.01 25.88 -9.62
CA ILE D 189 -17.80 26.23 -10.30
C ILE D 189 -16.73 25.89 -9.24
N ARG D 190 -16.40 24.59 -9.20
CA ARG D 190 -15.40 24.06 -8.27
C ARG D 190 -15.05 22.67 -8.77
N MET D 191 -13.91 22.14 -8.36
CA MET D 191 -13.54 20.79 -8.76
C MET D 191 -14.12 19.67 -7.87
N SER D 192 -14.46 19.96 -6.61
CA SER D 192 -15.07 18.95 -5.72
C SER D 192 -14.29 17.64 -5.64
N SER D 193 -12.96 17.78 -5.54
CA SER D 193 -12.05 16.63 -5.41
C SER D 193 -11.77 15.89 -6.71
N PHE D 194 -12.27 16.39 -7.84
CA PHE D 194 -12.14 15.68 -9.10
C PHE D 194 -11.03 16.15 -10.03
N PHE D 195 -10.04 16.93 -9.57
CA PHE D 195 -8.99 17.43 -10.45
C PHE D 195 -8.06 16.27 -10.83
N PRO D 196 -7.72 16.13 -12.13
CA PRO D 196 -6.86 15.04 -12.61
C PRO D 196 -5.36 15.33 -12.45
N LEU D 197 -4.71 14.55 -11.58
CA LEU D 197 -3.29 14.78 -11.17
C LEU D 197 -2.32 15.12 -12.30
N MET D 198 -2.37 14.33 -13.37
CA MET D 198 -1.45 14.45 -14.51
C MET D 198 -1.90 15.33 -15.68
N SER D 199 -3.00 16.07 -15.50
CA SER D 199 -3.52 16.91 -16.60
C SER D 199 -3.68 18.34 -16.17
N PRO D 200 -2.55 18.99 -15.87
CA PRO D 200 -2.64 20.37 -15.36
C PRO D 200 -3.42 21.38 -16.21
N TYR D 201 -3.37 21.18 -17.52
CA TYR D 201 -3.92 22.07 -18.53
C TYR D 201 -5.28 21.60 -19.12
N ALA D 202 -5.96 20.65 -18.46
CA ALA D 202 -7.34 20.23 -18.87
C ALA D 202 -8.28 21.43 -18.90
N GLU D 203 -9.07 21.57 -20.00
CA GLU D 203 -10.05 22.66 -20.13
C GLU D 203 -11.29 22.36 -19.38
N LEU D 204 -11.81 23.33 -18.64
CA LEU D 204 -12.97 23.11 -17.83
C LEU D 204 -14.20 23.83 -18.38
N HIS D 205 -15.27 23.08 -18.53
CA HIS D 205 -16.61 23.62 -18.86
C HIS D 205 -17.61 23.34 -17.75
N PHE D 206 -18.11 24.41 -17.11
CA PHE D 206 -19.08 24.30 -16.02
C PHE D 206 -20.52 24.67 -16.48
N SER D 207 -21.43 23.70 -16.42
CA SER D 207 -22.87 23.89 -16.65
C SER D 207 -23.72 24.06 -15.35
N PRO D 208 -24.69 25.00 -15.38
CA PRO D 208 -25.66 25.13 -14.29
C PRO D 208 -26.79 24.07 -14.31
N VAL D 209 -26.86 23.25 -15.35
CA VAL D 209 -27.90 22.23 -15.44
C VAL D 209 -27.66 21.15 -14.40
N LEU D 210 -28.75 20.63 -13.83
CA LEU D 210 -28.69 19.41 -12.99
C LEU D 210 -28.62 18.22 -13.93
N PHE D 211 -27.62 17.33 -13.76
CA PHE D 211 -27.20 16.36 -14.83
C PHE D 211 -28.29 15.70 -15.71
N PRO D 212 -29.36 15.13 -15.11
CA PRO D 212 -30.38 14.50 -16.02
C PRO D 212 -31.12 15.45 -17.02
N ASP D 213 -31.15 16.76 -16.73
CA ASP D 213 -31.70 17.77 -17.64
C ASP D 213 -30.74 18.14 -18.75
N THR D 214 -29.53 17.55 -18.75
CA THR D 214 -28.59 17.69 -19.83
C THR D 214 -29.19 17.18 -21.10
N THR D 215 -29.03 17.98 -22.15
CA THR D 215 -29.56 17.73 -23.48
C THR D 215 -28.37 17.77 -24.43
N ARG D 216 -28.66 17.51 -25.70
CA ARG D 216 -27.62 17.53 -26.73
C ARG D 216 -27.08 18.94 -27.05
N ALA D 217 -27.93 19.96 -27.00
CA ALA D 217 -27.49 21.35 -27.24
C ALA D 217 -26.47 21.79 -26.19
N ASP D 218 -26.78 21.48 -24.92
CA ASP D 218 -25.89 21.70 -23.78
C ASP D 218 -24.53 21.07 -24.07
N PHE D 219 -24.54 19.79 -24.45
CA PHE D 219 -23.32 19.06 -24.81
C PHE D 219 -22.59 19.66 -25.99
N ASP D 220 -23.32 20.05 -27.03
CA ASP D 220 -22.68 20.63 -28.20
C ASP D 220 -22.15 22.03 -27.88
N ALA D 221 -22.78 22.74 -26.94
CA ALA D 221 -22.28 24.04 -26.48
C ALA D 221 -21.03 23.84 -25.63
N ALA D 222 -21.09 22.83 -24.74
CA ALA D 222 -19.90 22.36 -23.99
C ALA D 222 -18.74 22.06 -24.93
N LEU D 223 -18.94 21.16 -25.92
CA LEU D 223 -17.90 20.89 -26.92
C LEU D 223 -17.59 21.99 -27.89
N LYS D 224 -18.51 22.93 -28.10
CA LYS D 224 -18.18 24.15 -28.88
C LYS D 224 -17.21 25.00 -28.08
N ASP D 225 -17.58 25.31 -26.84
CA ASP D 225 -16.77 26.12 -25.91
C ASP D 225 -15.35 25.55 -25.78
N LEU D 226 -15.32 24.26 -25.43
CA LEU D 226 -14.09 23.54 -25.23
C LEU D 226 -13.21 23.54 -26.47
N ARG D 227 -13.80 23.28 -27.66
CA ARG D 227 -12.94 23.19 -28.89
C ARG D 227 -12.31 24.52 -29.29
N ALA D 228 -12.96 25.62 -28.87
CA ALA D 228 -12.51 26.95 -29.20
C ALA D 228 -11.31 27.38 -28.38
N ARG D 229 -11.20 26.91 -27.12
CA ARG D 229 -10.18 27.44 -26.17
C ARG D 229 -8.76 27.55 -26.76
N ASP D 230 -8.05 28.64 -26.40
CA ASP D 230 -6.65 28.85 -26.82
C ASP D 230 -5.73 28.23 -25.78
N ARG D 231 -5.25 27.00 -26.04
CA ARG D 231 -4.47 26.25 -25.05
C ARG D 231 -3.01 26.66 -25.17
N ARG D 232 -2.37 27.00 -24.04
CA ARG D 232 -0.95 27.40 -24.05
C ARG D 232 0.03 26.56 -23.21
N PHE D 233 -0.49 25.66 -22.36
CA PHE D 233 0.35 24.77 -21.54
C PHE D 233 1.48 25.49 -20.75
N GLY D 234 1.20 26.69 -20.26
CA GLY D 234 2.18 27.48 -19.50
C GLY D 234 3.30 28.12 -20.28
N GLY D 235 3.25 27.98 -21.61
CA GLY D 235 4.23 28.60 -22.49
C GLY D 235 3.63 29.72 -23.35
N TYR D 236 4.51 30.43 -24.05
CA TYR D 236 4.15 31.44 -25.03
C TYR D 236 4.25 30.78 -26.40
N PRO D 237 3.10 30.59 -27.10
CA PRO D 237 3.13 29.89 -28.36
C PRO D 237 4.15 30.49 -29.31
N ALA D 238 4.96 29.65 -29.94
CA ALA D 238 5.99 30.15 -30.82
C ALA D 238 5.81 29.64 -32.25
P1 POP E . 8.82 -14.97 22.29
O1 POP E . 7.82 -13.99 21.80
O2 POP E . 9.25 -14.85 23.73
O3 POP E . 10.11 -15.02 21.46
O POP E . 8.25 -16.45 21.96
P2 POP E . 7.20 -17.32 22.89
O4 POP E . 6.09 -16.36 23.33
O5 POP E . 8.00 -17.87 23.99
O6 POP E . 6.64 -18.31 21.95
P1 POP F . 11.75 -12.50 26.24
O1 POP F . 11.54 -11.01 26.54
O2 POP F . 10.62 -13.17 25.49
O3 POP F . 13.17 -12.75 25.78
O POP F . 11.80 -13.11 27.79
P2 POP F . 11.38 -14.65 28.28
O4 POP F . 11.52 -15.46 27.02
O5 POP F . 12.33 -14.92 29.42
O6 POP F . 9.92 -14.54 28.59
MG MG G . 10.39 -15.15 25.30
C TRS H . 12.08 -10.75 22.18
C1 TRS H . 11.30 -9.46 22.42
C2 TRS H . 12.37 -10.94 20.69
C3 TRS H . 11.11 -11.89 22.50
N TRS H . 13.29 -10.77 23.03
O1 TRS H . 12.13 -8.32 22.28
O2 TRS H . 13.52 -10.20 20.37
O3 TRS H . 11.76 -13.11 22.39
P1 POP I . 13.78 -31.05 2.53
O1 POP I . 13.84 -30.92 1.04
O2 POP I . 14.48 -32.01 3.38
O3 POP I . 13.92 -29.64 3.17
O POP I . 12.21 -31.36 2.88
P2 POP I . 11.12 -32.36 2.28
O4 POP I . 10.60 -31.75 1.05
O5 POP I . 11.86 -33.60 1.91
O6 POP I . 10.16 -32.62 3.49
P1 POP J . 13.81 -38.26 1.59
O1 POP J . 14.47 -37.64 0.41
O2 POP J . 13.42 -37.32 2.67
O3 POP J . 14.34 -39.57 2.15
O POP J . 12.32 -38.74 1.05
P2 POP J . 10.93 -37.84 1.13
O4 POP J . 11.32 -36.37 1.20
O5 POP J . 10.15 -38.38 2.30
O6 POP J . 10.24 -38.24 -0.15
MG MG K . 12.52 -35.42 2.45
C TRS L . 6.93 -35.69 1.48
C1 TRS L . 6.54 -35.78 0.00
C2 TRS L . 5.90 -34.76 2.17
C3 TRS L . 8.28 -34.97 1.51
N TRS L . 7.05 -37.00 2.09
O1 TRS L . 5.29 -36.48 -0.14
O2 TRS L . 4.91 -35.54 2.84
O3 TRS L . 8.84 -34.96 2.79
P1 POP M . -0.48 35.81 -21.27
O1 POP M . -1.17 37.06 -21.81
O2 POP M . -1.48 35.05 -20.45
O3 POP M . 0.23 34.94 -22.31
O POP M . 0.65 36.32 -20.24
P2 POP M . 1.10 35.57 -18.82
O4 POP M . 2.59 35.81 -18.83
O5 POP M . 0.27 36.36 -17.85
O6 POP M . 0.65 34.12 -18.98
P1 POP N . -2.12 28.79 -19.63
O1 POP N . -2.79 29.96 -20.24
O2 POP N . -3.00 27.59 -19.39
O3 POP N . -0.77 28.51 -20.18
O POP N . -1.93 29.36 -18.10
P2 POP N . -0.79 30.38 -17.61
O4 POP N . -0.60 31.38 -18.74
O5 POP N . -1.47 31.03 -16.44
O6 POP N . 0.53 29.63 -17.38
MG MG O . -1.16 33.27 -19.45
C TRS P . 1.87 33.95 -14.68
C1 TRS P . 1.28 33.18 -15.83
C2 TRS P . 3.32 33.75 -14.81
C3 TRS P . 1.33 33.31 -13.37
N TRS P . 1.47 35.36 -14.76
O1 TRS P . -0.13 33.26 -15.74
O2 TRS P . 3.96 34.75 -14.05
O3 TRS P . 1.43 34.29 -12.33
P1 POP Q . -26.66 17.08 -5.68
O1 POP Q . -25.59 17.74 -6.51
O2 POP Q . -26.41 17.22 -4.19
O3 POP Q . -28.01 17.54 -6.14
O POP Q . -26.68 15.51 -6.07
P2 POP Q . -25.34 14.56 -6.26
O4 POP Q . -25.31 14.27 -7.72
O5 POP Q . -25.64 13.34 -5.40
O6 POP Q . -24.22 15.33 -5.62
P1 POP R . -19.81 19.36 -3.97
O1 POP R . -18.76 20.46 -3.99
O2 POP R . -19.97 18.74 -2.61
O3 POP R . -21.15 19.94 -4.35
O POP R . -19.58 18.42 -5.25
P2 POP R . -20.19 16.93 -5.45
O4 POP R . -20.02 16.63 -6.90
O5 POP R . -19.43 16.02 -4.55
O6 POP R . -21.64 16.96 -5.06
MG MG S . -23.64 17.31 -5.31
C TRS T . -21.67 12.47 -8.00
C1 TRS T . -21.65 13.46 -6.88
C2 TRS T . -20.35 12.13 -8.58
C3 TRS T . -21.79 11.21 -7.07
N TRS T . -22.93 12.21 -8.71
O1 TRS T . -21.60 14.71 -7.54
O2 TRS T . -20.60 11.40 -9.72
O3 TRS T . -21.96 9.97 -7.81
#